data_6IW6
#
_entry.id   6IW6
#
_cell.length_a   113.270
_cell.length_b   127.830
_cell.length_c   168.800
_cell.angle_alpha   90.000
_cell.angle_beta   90.000
_cell.angle_gamma   90.000
#
_symmetry.space_group_name_H-M   'I 21 21 21'
#
loop_
_entity.id
_entity.type
_entity.pdbx_description
1 polymer 'Terminal uridylyltransferase 4,Terminal uridylyltransferase 4'
2 non-polymer 'ZINC ION'
3 non-polymer 'CITRATE ANION'
4 non-polymer 1,2-ETHANEDIOL
5 water water
#
_entity_poly.entity_id   1
_entity_poly.type   'polypeptide(L)'
_entity_poly.pdbx_seq_one_letter_code
;MSEMDYLENATVIDESALTPEQRLGLKQAEERLERDHIFRLEKRSPEYTNCRYLCKLCLIHIENIQGAHKHIKEKRHKKN
ILEKQEESELRSLPPPSPAHLAALSVAVIELAKEHGITDDDLRVRQEIVEEMSKVITTFLPECSLRLYGSSLTRFALKSS
DVNIDIKFPPKMNHPDLLIKVLGILKKNVLYVDVESDFHAKVPVVVCRDRKSGLLCRVSAGNDMACLTTDLLTALGKIEP
VFIPLVLAFRYWAKLCYIDSQTDGGIPSYCFALMVMFFLQQRKPPLLPCLLGSWIEGFDPKRMDDFQLKGIVEEKFVKWE
CNSSSATKEKHGKSPLALETPNRVSLGQLWLELLKFYTLDFALEEYVICVRIQDILTRENKNWPKRRIAIEDPFSVKRNV
ARSLNSQLVYEYVVERFRAAYRYFACPQTKGGNKSTVDFKLEHHHHHH
;
_entity_poly.pdbx_strand_id   A,B
#
# COMPACT_ATOMS: atom_id res chain seq x y z
N GLU A 3 -23.16 64.39 10.90
CA GLU A 3 -23.91 63.33 10.26
C GLU A 3 -22.99 62.26 9.72
N MET A 4 -22.99 61.12 10.40
CA MET A 4 -22.35 59.93 9.84
C MET A 4 -22.92 59.57 8.47
N ASP A 5 -24.11 60.06 8.14
CA ASP A 5 -24.72 59.75 6.84
C ASP A 5 -23.91 60.36 5.70
N TYR A 6 -23.51 61.63 5.83
CA TYR A 6 -22.64 62.21 4.82
C TYR A 6 -21.27 61.56 4.83
N LEU A 7 -20.67 61.43 6.03
CA LEU A 7 -19.30 60.96 6.17
C LEU A 7 -19.11 59.52 5.75
N GLU A 8 -20.16 58.70 5.76
CA GLU A 8 -20.04 57.33 5.25
C GLU A 8 -20.05 57.28 3.73
N ASN A 9 -20.72 58.24 3.09
CA ASN A 9 -20.80 58.27 1.63
C ASN A 9 -19.77 59.20 1.00
N ALA A 10 -19.20 60.12 1.76
CA ALA A 10 -18.20 61.03 1.22
C ALA A 10 -16.96 60.27 0.78
N THR A 11 -16.51 60.58 -0.44
CA THR A 11 -15.32 59.95 -1.01
C THR A 11 -14.04 60.72 -0.70
N VAL A 12 -14.16 61.90 -0.11
CA VAL A 12 -12.99 62.65 0.34
C VAL A 12 -13.36 63.38 1.62
N ILE A 13 -12.52 63.22 2.65
CA ILE A 13 -12.81 63.70 4.00
C ILE A 13 -11.74 64.72 4.38
N ASP A 14 -12.18 65.92 4.74
CA ASP A 14 -11.30 66.90 5.38
C ASP A 14 -11.02 66.40 6.79
N GLU A 15 -9.85 65.78 6.98
CA GLU A 15 -9.54 65.14 8.25
C GLU A 15 -9.56 66.14 9.41
N SER A 16 -9.09 67.37 9.16
CA SER A 16 -9.07 68.38 10.21
C SER A 16 -10.48 68.85 10.57
N ALA A 17 -11.40 68.91 9.60
CA ALA A 17 -12.75 69.39 9.86
C ALA A 17 -13.60 68.41 10.67
N LEU A 18 -13.11 67.18 10.83
CA LEU A 18 -13.85 66.18 11.58
C LEU A 18 -14.00 66.59 13.04
N THR A 19 -15.17 66.30 13.60
CA THR A 19 -15.41 66.54 15.01
C THR A 19 -14.78 65.41 15.82
N PRO A 20 -14.22 65.77 17.05
CA PRO A 20 -13.61 64.64 17.78
C PRO A 20 -14.53 63.43 17.94
N GLU A 21 -15.83 63.67 18.07
CA GLU A 21 -16.79 62.57 18.13
C GLU A 21 -16.93 61.89 16.78
N GLN A 22 -16.84 62.65 15.70
CA GLN A 22 -16.90 62.06 14.37
C GLN A 22 -15.63 61.27 14.06
N ARG A 23 -14.47 61.79 14.46
CA ARG A 23 -13.25 61.00 14.36
C ARG A 23 -13.41 59.68 15.10
N LEU A 24 -14.02 59.71 16.28
CA LEU A 24 -14.27 58.50 17.04
C LEU A 24 -15.15 57.52 16.26
N GLY A 25 -16.32 58.01 15.80
CA GLY A 25 -17.24 57.14 15.06
C GLY A 25 -16.63 56.54 13.82
N LEU A 26 -15.85 57.34 13.09
CA LEU A 26 -15.20 56.84 11.88
C LEU A 26 -14.14 55.80 12.21
N LYS A 27 -13.34 56.03 13.27
CA LYS A 27 -12.33 55.04 13.61
C LYS A 27 -12.96 53.74 14.07
N GLN A 28 -14.10 53.80 14.75
CA GLN A 28 -14.81 52.59 15.13
C GLN A 28 -15.33 51.86 13.89
N ALA A 29 -15.98 52.60 12.98
CA ALA A 29 -16.46 51.99 11.75
C ALA A 29 -15.33 51.31 10.99
N GLU A 30 -14.18 51.97 10.90
CA GLU A 30 -13.04 51.40 10.19
C GLU A 30 -12.52 50.16 10.91
N GLU A 31 -12.51 50.17 12.25
CA GLU A 31 -12.13 48.98 12.98
C GLU A 31 -13.07 47.81 12.68
N ARG A 32 -14.37 48.10 12.56
CA ARG A 32 -15.32 47.07 12.12
C ARG A 32 -14.99 46.57 10.71
N LEU A 33 -14.68 47.50 9.81
CA LEU A 33 -14.36 47.12 8.44
C LEU A 33 -13.14 46.22 8.37
N GLU A 34 -12.22 46.37 9.32
CA GLU A 34 -11.02 45.54 9.31
C GLU A 34 -11.36 44.07 9.50
N ARG A 35 -12.45 43.76 10.22
CA ARG A 35 -12.82 42.36 10.45
C ARG A 35 -13.23 41.69 9.15
N ASP A 36 -13.25 42.45 8.06
CA ASP A 36 -13.51 41.92 6.72
C ASP A 36 -12.40 42.26 5.74
N HIS A 37 -11.19 42.55 6.24
CA HIS A 37 -9.96 42.76 5.46
C HIS A 37 -9.88 44.14 4.80
N ILE A 38 -10.65 45.12 5.28
CA ILE A 38 -10.72 46.44 4.64
C ILE A 38 -10.05 47.46 5.55
N PHE A 39 -9.07 48.20 5.01
CA PHE A 39 -8.24 49.10 5.80
C PHE A 39 -8.10 50.45 5.13
N ARG A 40 -7.89 51.48 5.94
CA ARG A 40 -7.32 52.72 5.42
C ARG A 40 -5.98 52.42 4.75
N LEU A 41 -5.81 52.88 3.53
CA LEU A 41 -4.53 52.81 2.83
C LEU A 41 -3.61 53.92 3.35
N GLU A 42 -2.42 53.55 3.84
CA GLU A 42 -1.44 54.57 4.18
C GLU A 42 -0.95 55.25 2.91
N LYS A 43 -0.82 56.56 2.95
CA LYS A 43 -0.53 57.36 1.77
C LYS A 43 0.95 57.67 1.66
N ARG A 44 1.35 58.14 0.47
CA ARG A 44 2.73 58.53 0.21
C ARG A 44 2.96 60.01 0.48
N SER A 45 2.12 60.88 -0.06
CA SER A 45 2.14 62.31 0.20
C SER A 45 0.72 62.77 0.47
N PRO A 46 0.23 62.60 1.70
CA PRO A 46 -1.18 62.88 1.99
C PRO A 46 -1.48 64.38 2.05
N GLU A 47 -2.60 64.75 1.44
CA GLU A 47 -3.19 66.09 1.47
C GLU A 47 -4.72 65.98 1.55
N TYR A 48 -5.21 65.12 2.44
CA TYR A 48 -6.59 64.60 2.36
C TYR A 48 -6.88 64.04 0.97
N THR A 49 -5.87 63.41 0.37
CA THR A 49 -5.90 63.18 -1.07
C THR A 49 -6.88 62.07 -1.44
N ASN A 50 -6.71 61.64 -2.69
CA ASN A 50 -7.57 60.75 -3.43
C ASN A 50 -8.12 59.58 -2.61
N CYS A 51 -7.22 58.73 -2.12
CA CYS A 51 -7.51 57.32 -1.87
C CYS A 51 -7.95 57.09 -0.42
N ARG A 52 -8.86 56.12 -0.25
CA ARG A 52 -9.39 55.83 1.07
C ARG A 52 -9.15 54.41 1.56
N TYR A 53 -9.66 53.39 0.87
CA TYR A 53 -9.70 52.07 1.49
C TYR A 53 -9.18 51.00 0.55
N LEU A 54 -8.46 50.05 1.11
CA LEU A 54 -7.97 48.88 0.37
C LEU A 54 -8.57 47.64 1.02
N CYS A 55 -9.16 46.77 0.20
CA CYS A 55 -9.51 45.43 0.61
C CYS A 55 -8.32 44.53 0.28
N LYS A 56 -7.67 44.01 1.35
CA LYS A 56 -6.49 43.17 1.20
C LYS A 56 -6.85 41.80 0.64
N LEU A 57 -8.08 41.33 0.90
CA LEU A 57 -8.52 40.08 0.29
C LEU A 57 -8.56 40.22 -1.22
N CYS A 58 -9.41 41.10 -1.73
CA CYS A 58 -9.59 41.25 -3.16
C CYS A 58 -8.54 42.14 -3.82
N LEU A 59 -7.66 42.75 -3.02
CA LEU A 59 -6.75 43.80 -3.51
C LEU A 59 -7.53 44.84 -4.31
N ILE A 60 -8.60 45.35 -3.72
CA ILE A 60 -9.50 46.26 -4.43
C ILE A 60 -9.55 47.60 -3.71
N HIS A 61 -9.47 48.68 -4.47
CA HIS A 61 -9.63 50.01 -3.91
C HIS A 61 -11.11 50.34 -3.77
N ILE A 62 -11.50 50.74 -2.56
CA ILE A 62 -12.86 51.10 -2.22
C ILE A 62 -12.84 52.55 -1.74
N GLU A 63 -13.86 53.31 -2.13
CA GLU A 63 -13.83 54.76 -2.08
C GLU A 63 -14.50 55.35 -0.84
N ASN A 64 -15.32 54.58 -0.13
CA ASN A 64 -16.00 55.12 1.05
C ASN A 64 -16.51 53.97 1.91
N ILE A 65 -17.06 54.33 3.07
CA ILE A 65 -17.49 53.34 4.05
C ILE A 65 -18.68 52.54 3.53
N GLN A 66 -19.70 53.23 3.03
CA GLN A 66 -20.86 52.54 2.47
C GLN A 66 -20.46 51.62 1.32
N GLY A 67 -19.48 52.05 0.52
CA GLY A 67 -18.99 51.18 -0.54
C GLY A 67 -18.26 49.96 0.02
N ALA A 68 -17.57 50.11 1.14
CA ALA A 68 -16.91 48.96 1.74
C ALA A 68 -17.95 47.95 2.23
N HIS A 69 -19.03 48.44 2.82
CA HIS A 69 -20.07 47.51 3.27
C HIS A 69 -20.80 46.87 2.10
N LYS A 70 -20.98 47.59 0.99
CA LYS A 70 -21.54 46.94 -0.20
C LYS A 70 -20.57 45.91 -0.79
N HIS A 71 -19.27 46.18 -0.70
CA HIS A 71 -18.28 45.30 -1.31
C HIS A 71 -18.15 43.99 -0.53
N ILE A 72 -18.19 44.08 0.81
CA ILE A 72 -18.10 42.88 1.66
C ILE A 72 -19.11 41.83 1.21
N LYS A 73 -20.30 42.26 0.80
CA LYS A 73 -21.38 41.36 0.48
C LYS A 73 -21.55 41.11 -1.01
N GLU A 74 -20.61 41.55 -1.83
CA GLU A 74 -20.72 41.43 -3.28
C GLU A 74 -20.00 40.16 -3.77
N LYS A 75 -19.92 40.01 -5.09
CA LYS A 75 -19.48 38.74 -5.68
C LYS A 75 -18.00 38.49 -5.41
N ARG A 76 -17.15 39.45 -5.78
CA ARG A 76 -15.70 39.25 -5.70
C ARG A 76 -15.29 38.87 -4.28
N HIS A 77 -15.77 39.61 -3.28
CA HIS A 77 -15.37 39.35 -1.90
C HIS A 77 -15.88 37.99 -1.43
N LYS A 78 -17.12 37.64 -1.76
CA LYS A 78 -17.65 36.33 -1.37
C LYS A 78 -16.83 35.21 -1.98
N LYS A 79 -16.58 35.29 -3.29
CA LYS A 79 -15.76 34.29 -3.97
C LYS A 79 -14.39 34.14 -3.33
N ASN A 80 -13.76 35.25 -2.98
CA ASN A 80 -12.42 35.17 -2.41
C ASN A 80 -12.45 34.57 -1.01
N ILE A 81 -13.45 34.93 -0.21
CA ILE A 81 -13.64 34.30 1.08
C ILE A 81 -13.73 32.79 0.91
N LEU A 82 -14.54 32.34 -0.06
CA LEU A 82 -14.67 30.92 -0.32
C LEU A 82 -13.34 30.29 -0.67
N GLU A 83 -12.70 30.78 -1.74
CA GLU A 83 -11.41 30.22 -2.18
C GLU A 83 -10.41 30.14 -1.04
N LYS A 84 -10.35 31.18 -0.20
CA LYS A 84 -9.46 31.13 0.95
C LYS A 84 -9.84 29.99 1.88
N GLN A 85 -11.14 29.79 2.11
CA GLN A 85 -11.59 28.71 2.96
C GLN A 85 -11.22 27.35 2.38
N GLU A 86 -11.50 27.15 1.08
CA GLU A 86 -11.18 25.91 0.40
C GLU A 86 -9.69 25.62 0.46
N GLU A 87 -8.87 26.65 0.27
CA GLU A 87 -7.42 26.47 0.36
C GLU A 87 -7.00 26.06 1.76
N SER A 88 -7.57 26.69 2.79
CA SER A 88 -7.21 26.32 4.15
C SER A 88 -7.59 24.87 4.42
N GLU A 89 -8.74 24.43 3.90
CA GLU A 89 -9.13 23.03 4.04
C GLU A 89 -8.12 22.11 3.35
N LEU A 90 -7.86 22.36 2.05
CA LEU A 90 -6.86 21.58 1.32
C LEU A 90 -5.54 21.51 2.07
N ARG A 91 -5.13 22.62 2.69
CA ARG A 91 -3.80 22.68 3.29
C ARG A 91 -3.77 22.02 4.65
N SER A 92 -4.90 21.96 5.35
CA SER A 92 -4.94 21.33 6.66
C SER A 92 -5.41 19.88 6.60
N LEU A 93 -5.33 19.25 5.44
CA LEU A 93 -5.74 17.86 5.31
C LEU A 93 -4.81 16.98 6.13
N PRO A 94 -5.34 16.04 6.92
CA PRO A 94 -4.48 15.12 7.65
C PRO A 94 -3.72 14.22 6.69
N PRO A 95 -2.57 13.70 7.09
CA PRO A 95 -1.79 12.86 6.18
C PRO A 95 -2.51 11.55 5.94
N PRO A 96 -2.39 10.98 4.74
CA PRO A 96 -3.14 9.77 4.41
C PRO A 96 -2.67 8.58 5.24
N SER A 97 -3.61 7.67 5.50
CA SER A 97 -3.30 6.46 6.24
C SER A 97 -2.53 5.46 5.35
N PRO A 98 -1.77 4.56 5.98
CA PRO A 98 -1.13 3.48 5.19
C PRO A 98 -2.09 2.72 4.29
N ALA A 99 -3.32 2.47 4.76
CA ALA A 99 -4.26 1.68 3.95
C ALA A 99 -4.75 2.49 2.76
N HIS A 100 -4.98 3.78 2.94
CA HIS A 100 -5.37 4.61 1.82
C HIS A 100 -4.24 4.73 0.80
N LEU A 101 -3.00 4.86 1.29
CA LEU A 101 -1.85 4.93 0.40
C LEU A 101 -1.70 3.65 -0.40
N ALA A 102 -1.89 2.49 0.25
CA ALA A 102 -1.79 1.23 -0.47
C ALA A 102 -2.90 1.11 -1.50
N ALA A 103 -4.13 1.50 -1.14
CA ALA A 103 -5.23 1.43 -2.08
C ALA A 103 -4.92 2.25 -3.32
N LEU A 104 -4.45 3.49 -3.12
CA LEU A 104 -4.07 4.34 -4.25
C LEU A 104 -2.96 3.70 -5.08
N SER A 105 -1.95 3.14 -4.42
CA SER A 105 -0.81 2.53 -5.14
C SER A 105 -1.28 1.41 -6.05
N VAL A 106 -2.10 0.51 -5.51
CA VAL A 106 -2.60 -0.61 -6.30
C VAL A 106 -3.49 -0.11 -7.43
N ALA A 107 -4.30 0.92 -7.16
CA ALA A 107 -5.19 1.43 -8.19
C ALA A 107 -4.42 2.06 -9.35
N VAL A 108 -3.35 2.79 -9.04
CA VAL A 108 -2.53 3.40 -10.08
C VAL A 108 -1.86 2.34 -10.95
N ILE A 109 -1.22 1.36 -10.30
CA ILE A 109 -0.54 0.36 -11.12
C ILE A 109 -1.56 -0.46 -11.91
N GLU A 110 -2.76 -0.66 -11.36
CA GLU A 110 -3.75 -1.44 -12.09
C GLU A 110 -4.34 -0.66 -13.26
N LEU A 111 -4.47 0.66 -13.16
CA LEU A 111 -4.80 1.46 -14.34
C LEU A 111 -3.78 1.22 -15.45
N ALA A 112 -2.49 1.31 -15.12
CA ALA A 112 -1.47 1.07 -16.14
C ALA A 112 -1.52 -0.36 -16.68
N LYS A 113 -1.75 -1.35 -15.81
CA LYS A 113 -1.65 -2.74 -16.25
C LYS A 113 -2.87 -3.20 -17.03
N GLU A 114 -4.07 -2.81 -16.61
CA GLU A 114 -5.29 -3.25 -17.27
C GLU A 114 -5.59 -2.43 -18.51
N HIS A 115 -5.25 -1.15 -18.52
CA HIS A 115 -5.68 -0.28 -19.60
C HIS A 115 -4.54 0.35 -20.37
N GLY A 116 -3.30 0.22 -19.91
CA GLY A 116 -2.17 0.84 -20.57
C GLY A 116 -1.65 0.01 -21.74
N ILE A 117 -0.64 0.57 -22.41
CA ILE A 117 -0.03 -0.10 -23.56
C ILE A 117 1.02 -1.08 -23.05
N THR A 118 0.79 -2.34 -23.34
CA THR A 118 1.53 -3.49 -22.88
C THR A 118 2.68 -3.79 -23.86
N ASP A 119 3.66 -4.58 -23.40
CA ASP A 119 4.77 -4.96 -24.28
C ASP A 119 4.27 -5.73 -25.50
N ASP A 120 3.26 -6.57 -25.32
CA ASP A 120 2.60 -7.22 -26.45
C ASP A 120 1.81 -6.22 -27.30
N ASP A 121 1.22 -5.18 -26.71
CA ASP A 121 0.58 -4.14 -27.51
C ASP A 121 1.60 -3.38 -28.35
N LEU A 122 2.76 -3.09 -27.78
CA LEU A 122 3.82 -2.46 -28.54
C LEU A 122 4.28 -3.38 -29.67
N ARG A 123 4.30 -4.69 -29.41
CA ARG A 123 4.62 -5.65 -30.46
C ARG A 123 3.64 -5.52 -31.62
N VAL A 124 2.34 -5.47 -31.30
CA VAL A 124 1.32 -5.32 -32.33
C VAL A 124 1.54 -4.05 -33.14
N ARG A 125 1.84 -2.93 -32.48
CA ARG A 125 1.97 -1.66 -33.19
C ARG A 125 3.26 -1.60 -34.02
N GLN A 126 4.34 -2.20 -33.52
CA GLN A 126 5.56 -2.31 -34.31
C GLN A 126 5.32 -3.17 -35.54
N GLU A 127 4.52 -4.23 -35.41
CA GLU A 127 4.19 -5.03 -36.59
C GLU A 127 3.34 -4.25 -37.58
N ILE A 128 2.43 -3.41 -37.09
CA ILE A 128 1.70 -2.51 -37.97
C ILE A 128 2.69 -1.70 -38.79
N VAL A 129 3.72 -1.17 -38.12
CA VAL A 129 4.71 -0.34 -38.83
C VAL A 129 5.47 -1.18 -39.85
N GLU A 130 5.81 -2.42 -39.50
CA GLU A 130 6.58 -3.27 -40.41
C GLU A 130 5.78 -3.58 -41.68
N GLU A 131 4.53 -4.01 -41.51
CA GLU A 131 3.69 -4.31 -42.68
C GLU A 131 3.44 -3.06 -43.51
N MET A 132 3.14 -1.92 -42.86
CA MET A 132 2.92 -0.71 -43.64
C MET A 132 4.18 -0.28 -44.37
N SER A 133 5.35 -0.49 -43.78
CA SER A 133 6.58 -0.13 -44.47
C SER A 133 6.82 -1.03 -45.68
N LYS A 134 6.50 -2.33 -45.54
CA LYS A 134 6.46 -3.19 -46.72
C LYS A 134 5.60 -2.58 -47.82
N VAL A 135 4.41 -2.10 -47.44
CA VAL A 135 3.48 -1.58 -48.44
C VAL A 135 4.02 -0.29 -49.08
N ILE A 136 4.57 0.61 -48.27
CA ILE A 136 4.95 1.93 -48.79
C ILE A 136 6.23 1.83 -49.62
N THR A 137 7.25 1.15 -49.11
CA THR A 137 8.55 1.13 -49.79
C THR A 137 8.46 0.48 -51.16
N THR A 138 7.61 -0.53 -51.32
CA THR A 138 7.49 -1.19 -52.62
C THR A 138 6.71 -0.35 -53.65
N PHE A 139 6.45 0.90 -53.29
CA PHE A 139 6.11 1.94 -54.24
C PHE A 139 7.13 3.06 -54.26
N LEU A 140 7.96 3.17 -53.25
CA LEU A 140 8.68 4.39 -52.88
C LEU A 140 9.86 4.02 -52.00
N PRO A 141 10.95 3.51 -52.57
CA PRO A 141 11.94 2.77 -51.76
C PRO A 141 12.89 3.62 -50.94
N GLU A 142 13.05 4.92 -51.23
CA GLU A 142 14.00 5.72 -50.46
C GLU A 142 13.53 5.94 -49.02
N CYS A 143 12.23 6.01 -48.80
CA CYS A 143 11.71 6.39 -47.49
C CYS A 143 11.87 5.26 -46.48
N SER A 144 11.72 5.61 -45.21
CA SER A 144 11.64 4.64 -44.14
C SER A 144 10.51 5.03 -43.19
N LEU A 145 10.06 4.07 -42.39
CA LEU A 145 8.99 4.28 -41.44
C LEU A 145 9.50 4.09 -40.03
N ARG A 146 8.88 4.79 -39.08
CA ARG A 146 9.11 4.45 -37.68
C ARG A 146 7.91 4.85 -36.84
N LEU A 147 7.86 4.29 -35.64
CA LEU A 147 6.80 4.49 -34.69
C LEU A 147 7.18 5.60 -33.73
N TYR A 148 6.23 6.47 -33.39
CA TYR A 148 6.49 7.47 -32.36
C TYR A 148 5.24 7.69 -31.53
N GLY A 149 5.32 8.65 -30.61
CA GLY A 149 4.20 8.95 -29.75
C GLY A 149 3.95 7.88 -28.70
N SER A 150 2.67 7.78 -28.31
CA SER A 150 2.30 7.03 -27.11
C SER A 150 2.61 5.55 -27.26
N SER A 151 2.50 4.99 -28.48
CA SER A 151 2.85 3.59 -28.72
C SER A 151 4.18 3.26 -28.06
N LEU A 152 5.15 4.18 -28.11
CA LEU A 152 6.43 3.92 -27.48
C LEU A 152 6.51 4.49 -26.06
N THR A 153 5.88 5.64 -25.80
CA THR A 153 6.03 6.22 -24.46
C THR A 153 5.16 5.52 -23.43
N ARG A 154 4.10 4.84 -23.87
CA ARG A 154 3.06 4.26 -23.02
C ARG A 154 2.27 5.33 -22.26
N PHE A 155 2.29 6.59 -22.73
CA PHE A 155 1.59 7.68 -22.07
C PHE A 155 0.13 7.81 -22.54
N ALA A 156 -0.41 6.80 -23.20
CA ALA A 156 -1.82 6.74 -23.52
C ALA A 156 -2.27 5.29 -23.33
N LEU A 157 -3.56 5.04 -23.50
CA LEU A 157 -4.14 3.77 -23.15
C LEU A 157 -4.11 2.81 -24.34
N LYS A 158 -4.52 1.56 -24.07
CA LYS A 158 -4.49 0.47 -25.05
C LYS A 158 -5.09 0.86 -26.40
N SER A 159 -6.08 1.75 -26.39
CA SER A 159 -6.86 2.06 -27.57
C SER A 159 -6.27 3.18 -28.40
N SER A 160 -5.23 3.86 -27.90
CA SER A 160 -4.81 5.12 -28.51
C SER A 160 -4.26 4.90 -29.91
N ASP A 161 -4.21 5.99 -30.67
CA ASP A 161 -3.78 5.95 -32.06
C ASP A 161 -2.32 5.52 -32.17
N VAL A 162 -1.98 5.08 -33.37
CA VAL A 162 -0.64 4.62 -33.73
C VAL A 162 0.00 5.72 -34.56
N ASN A 163 1.04 6.36 -34.02
CA ASN A 163 1.71 7.45 -34.72
C ASN A 163 2.88 6.89 -35.52
N ILE A 164 2.89 7.13 -36.83
CA ILE A 164 3.88 6.59 -37.74
C ILE A 164 4.44 7.73 -38.56
N ASP A 165 5.76 7.92 -38.52
CA ASP A 165 6.43 8.98 -39.26
C ASP A 165 7.25 8.41 -40.41
N ILE A 166 7.19 9.10 -41.55
CA ILE A 166 7.92 8.73 -42.76
C ILE A 166 9.15 9.62 -42.87
N LYS A 167 10.33 9.00 -42.91
CA LYS A 167 11.57 9.70 -43.24
C LYS A 167 11.79 9.63 -44.75
N PHE A 168 12.02 10.78 -45.36
CA PHE A 168 12.18 10.91 -46.80
C PHE A 168 13.42 11.73 -47.12
N PRO A 169 13.92 11.66 -48.35
CA PRO A 169 15.08 12.50 -48.73
C PRO A 169 14.66 13.91 -49.07
N PRO A 170 15.59 14.87 -49.01
CA PRO A 170 15.23 16.27 -49.28
C PRO A 170 14.75 16.54 -50.71
N LYS A 171 15.25 15.82 -51.71
CA LYS A 171 14.76 16.05 -53.07
C LYS A 171 13.45 15.30 -53.28
N MET A 172 12.51 15.51 -52.35
CA MET A 172 11.21 14.85 -52.36
C MET A 172 10.25 15.73 -51.56
N ASN A 173 9.11 16.05 -52.15
CA ASN A 173 8.26 17.12 -51.65
C ASN A 173 7.19 16.58 -50.71
N HIS A 174 7.07 17.22 -49.54
CA HIS A 174 6.24 16.68 -48.46
C HIS A 174 4.75 16.59 -48.81
N PRO A 175 4.08 17.63 -49.30
CA PRO A 175 2.66 17.46 -49.67
C PRO A 175 2.45 16.39 -50.73
N ASP A 176 3.26 16.41 -51.78
CA ASP A 176 3.22 15.33 -52.78
C ASP A 176 3.39 13.97 -52.12
N LEU A 177 4.33 13.87 -51.17
CA LEU A 177 4.59 12.61 -50.52
C LEU A 177 3.36 12.08 -49.81
N LEU A 178 2.69 12.94 -49.03
CA LEU A 178 1.50 12.49 -48.32
C LEU A 178 0.35 12.17 -49.27
N ILE A 179 0.23 12.90 -50.39
CA ILE A 179 -0.83 12.57 -51.35
C ILE A 179 -0.60 11.19 -51.97
N LYS A 180 0.65 10.89 -52.33
CA LYS A 180 0.98 9.57 -52.84
C LYS A 180 0.69 8.49 -51.80
N VAL A 181 1.10 8.73 -50.55
CA VAL A 181 0.84 7.75 -49.49
C VAL A 181 -0.66 7.55 -49.31
N LEU A 182 -1.44 8.62 -49.42
CA LEU A 182 -2.89 8.52 -49.32
C LEU A 182 -3.43 7.56 -50.38
N GLY A 183 -3.02 7.77 -51.64
CA GLY A 183 -3.44 6.84 -52.68
C GLY A 183 -3.02 5.41 -52.42
N ILE A 184 -1.77 5.23 -51.96
CA ILE A 184 -1.24 3.89 -51.72
C ILE A 184 -2.07 3.15 -50.68
N LEU A 185 -2.30 3.80 -49.54
CA LEU A 185 -3.06 3.14 -48.48
C LEU A 185 -4.51 2.94 -48.86
N LYS A 186 -5.09 3.85 -49.65
CA LYS A 186 -6.45 3.64 -50.14
C LYS A 186 -6.54 2.36 -50.97
N LYS A 187 -5.55 2.14 -51.83
CA LYS A 187 -5.63 0.97 -52.72
C LYS A 187 -5.33 -0.35 -52.01
N ASN A 188 -4.70 -0.32 -50.84
CA ASN A 188 -4.20 -1.54 -50.20
C ASN A 188 -5.22 -2.08 -49.21
N VAL A 189 -5.47 -3.40 -49.28
CA VAL A 189 -6.57 -4.01 -48.54
C VAL A 189 -6.28 -4.21 -47.06
N LEU A 190 -5.06 -3.91 -46.59
CA LEU A 190 -4.76 -4.04 -45.17
C LEU A 190 -5.53 -3.06 -44.30
N TYR A 191 -6.07 -2.00 -44.89
CA TYR A 191 -6.61 -0.87 -44.14
C TYR A 191 -8.02 -0.55 -44.62
N VAL A 192 -8.74 0.18 -43.77
CA VAL A 192 -10.03 0.75 -44.11
C VAL A 192 -10.09 2.17 -43.56
N ASP A 193 -11.11 2.92 -44.00
CA ASP A 193 -11.33 4.30 -43.56
C ASP A 193 -10.09 5.17 -43.77
N VAL A 194 -9.42 4.97 -44.91
CA VAL A 194 -8.28 5.81 -45.27
C VAL A 194 -8.78 7.19 -45.68
N GLU A 195 -8.16 8.23 -45.13
CA GLU A 195 -8.70 9.58 -45.18
C GLU A 195 -7.56 10.55 -44.90
N SER A 196 -7.47 11.62 -45.66
CA SER A 196 -6.50 12.64 -45.31
C SER A 196 -6.97 13.43 -44.09
N ASP A 197 -6.01 13.91 -43.29
CA ASP A 197 -6.25 14.92 -42.26
C ASP A 197 -5.09 15.90 -42.42
N PHE A 198 -5.24 16.83 -43.36
CA PHE A 198 -4.16 17.74 -43.72
C PHE A 198 -4.31 19.11 -43.10
N HIS A 199 -5.45 19.40 -42.49
CA HIS A 199 -5.62 20.65 -41.77
C HIS A 199 -5.15 20.56 -40.33
N ALA A 200 -5.09 19.36 -39.77
CA ALA A 200 -4.66 19.16 -38.39
C ALA A 200 -3.30 19.78 -38.13
N LYS A 201 -3.01 20.07 -36.86
CA LYS A 201 -1.76 20.73 -36.49
C LYS A 201 -0.56 20.04 -37.15
N VAL A 202 -0.52 18.72 -37.11
CA VAL A 202 0.42 17.94 -37.92
C VAL A 202 -0.36 17.36 -39.10
N PRO A 203 0.11 17.49 -40.30
CA PRO A 203 -0.60 16.91 -41.43
C PRO A 203 -0.33 15.43 -41.55
N VAL A 204 -1.38 14.65 -41.76
CA VAL A 204 -1.33 13.24 -41.58
C VAL A 204 -2.26 12.49 -42.53
N VAL A 205 -1.97 11.22 -42.81
CA VAL A 205 -2.96 10.35 -43.40
C VAL A 205 -3.49 9.44 -42.34
N VAL A 206 -4.79 9.25 -42.31
CA VAL A 206 -5.43 8.43 -41.29
C VAL A 206 -5.91 7.14 -41.94
N CYS A 207 -5.70 6.03 -41.26
CA CYS A 207 -6.29 4.78 -41.70
C CYS A 207 -6.55 3.91 -40.49
N ARG A 208 -7.33 2.86 -40.68
CA ARG A 208 -7.60 1.90 -39.61
C ARG A 208 -7.01 0.56 -40.04
N ASP A 209 -6.04 0.09 -39.26
CA ASP A 209 -5.49 -1.24 -39.47
C ASP A 209 -6.57 -2.29 -39.21
N ARG A 210 -6.96 -3.02 -40.26
CA ARG A 210 -8.10 -3.92 -40.10
C ARG A 210 -7.77 -5.07 -39.17
N LYS A 211 -6.51 -5.50 -39.11
CA LYS A 211 -6.14 -6.67 -38.30
C LYS A 211 -6.27 -6.37 -36.81
N SER A 212 -5.73 -5.23 -36.37
CA SER A 212 -5.74 -4.84 -34.98
C SER A 212 -6.84 -3.86 -34.61
N GLY A 213 -7.55 -3.32 -35.60
CA GLY A 213 -8.58 -2.34 -35.34
C GLY A 213 -8.08 -1.00 -34.87
N LEU A 214 -6.78 -0.75 -34.94
CA LEU A 214 -6.22 0.48 -34.39
C LEU A 214 -6.15 1.55 -35.46
N LEU A 215 -6.42 2.78 -35.07
CA LEU A 215 -6.27 3.93 -35.94
C LEU A 215 -4.80 4.31 -36.06
N CYS A 216 -4.39 4.67 -37.26
CA CYS A 216 -3.03 5.09 -37.51
C CYS A 216 -3.03 6.50 -38.06
N ARG A 217 -2.06 7.30 -37.61
CA ARG A 217 -1.88 8.64 -38.13
C ARG A 217 -0.48 8.73 -38.71
N VAL A 218 -0.40 8.81 -40.03
CA VAL A 218 0.88 8.82 -40.70
C VAL A 218 1.33 10.22 -41.10
N SER A 219 2.43 10.66 -40.48
CA SER A 219 3.03 11.94 -40.78
C SER A 219 4.28 11.74 -41.62
N ALA A 220 4.90 12.85 -42.02
CA ALA A 220 6.17 12.79 -42.73
C ALA A 220 7.10 13.86 -42.16
N GLY A 221 8.36 13.47 -41.96
CA GLY A 221 9.38 14.40 -41.50
C GLY A 221 9.17 14.98 -40.12
N ASN A 222 8.42 14.31 -39.25
CA ASN A 222 8.14 14.83 -37.91
C ASN A 222 9.26 14.39 -36.94
N ASP A 223 10.47 14.90 -37.23
CA ASP A 223 11.66 14.49 -36.50
C ASP A 223 11.58 14.87 -35.02
N MET A 224 11.12 16.10 -34.73
CA MET A 224 11.09 16.57 -33.35
C MET A 224 10.24 15.67 -32.47
N ALA A 225 9.08 15.25 -32.98
CA ALA A 225 8.23 14.37 -32.21
C ALA A 225 8.91 13.03 -31.94
N CYS A 226 9.75 12.56 -32.88
CA CYS A 226 10.44 11.30 -32.65
C CYS A 226 11.54 11.45 -31.59
N LEU A 227 12.31 12.53 -31.64
CA LEU A 227 13.26 12.83 -30.58
C LEU A 227 12.56 12.85 -29.21
N THR A 228 11.46 13.59 -29.14
CA THR A 228 10.70 13.67 -27.90
C THR A 228 10.27 12.29 -27.43
N THR A 229 9.70 11.49 -28.34
CA THR A 229 9.27 10.14 -28.01
C THR A 229 10.43 9.32 -27.45
N ASP A 230 11.62 9.43 -28.05
CA ASP A 230 12.71 8.56 -27.61
C ASP A 230 13.20 8.98 -26.23
N LEU A 231 13.26 10.28 -25.98
CA LEU A 231 13.65 10.74 -24.64
C LEU A 231 12.67 10.24 -23.58
N LEU A 232 11.36 10.43 -23.83
CA LEU A 232 10.37 10.04 -22.83
C LEU A 232 10.29 8.52 -22.69
N THR A 233 10.44 7.78 -23.79
CA THR A 233 10.45 6.32 -23.73
C THR A 233 11.61 5.83 -22.87
N ALA A 234 12.81 6.41 -23.07
CA ALA A 234 13.96 5.99 -22.28
C ALA A 234 13.75 6.31 -20.80
N LEU A 235 13.23 7.50 -20.50
CA LEU A 235 12.95 7.84 -19.11
C LEU A 235 11.96 6.86 -18.50
N GLY A 236 10.88 6.55 -19.22
CA GLY A 236 9.91 5.60 -18.72
C GLY A 236 10.47 4.20 -18.52
N LYS A 237 11.44 3.80 -19.35
CA LYS A 237 12.07 2.50 -19.15
C LYS A 237 13.01 2.50 -17.95
N ILE A 238 13.63 3.64 -17.65
CA ILE A 238 14.57 3.70 -16.53
C ILE A 238 13.83 3.84 -15.20
N GLU A 239 12.75 4.62 -15.18
CA GLU A 239 12.03 4.91 -13.93
C GLU A 239 10.60 4.36 -13.98
N PRO A 240 10.33 3.26 -13.29
CA PRO A 240 9.00 2.61 -13.43
C PRO A 240 7.80 3.48 -13.03
N VAL A 241 7.97 4.56 -12.25
CA VAL A 241 6.79 5.31 -11.82
C VAL A 241 6.30 6.31 -12.86
N PHE A 242 7.14 6.62 -13.85
CA PHE A 242 6.84 7.69 -14.81
C PHE A 242 5.55 7.40 -15.57
N ILE A 243 5.45 6.21 -16.16
CA ILE A 243 4.27 5.88 -16.98
C ILE A 243 2.98 5.84 -16.16
N PRO A 244 2.89 5.11 -15.04
CA PRO A 244 1.60 5.11 -14.31
C PRO A 244 1.25 6.49 -13.77
N LEU A 245 2.22 7.31 -13.36
CA LEU A 245 1.86 8.65 -12.92
C LEU A 245 1.32 9.47 -14.09
N VAL A 246 1.93 9.35 -15.27
CA VAL A 246 1.41 10.09 -16.42
C VAL A 246 0.00 9.66 -16.75
N LEU A 247 -0.26 8.35 -16.73
CA LEU A 247 -1.60 7.84 -17.04
C LEU A 247 -2.62 8.34 -16.03
N ALA A 248 -2.28 8.29 -14.74
CA ALA A 248 -3.19 8.75 -13.69
C ALA A 248 -3.47 10.24 -13.82
N PHE A 249 -2.41 11.02 -14.05
CA PHE A 249 -2.51 12.46 -14.16
C PHE A 249 -3.44 12.84 -15.29
N ARG A 250 -3.29 12.15 -16.41
CA ARG A 250 -4.03 12.45 -17.62
C ARG A 250 -5.49 12.00 -17.54
N TYR A 251 -5.72 10.79 -17.07
CA TYR A 251 -7.05 10.19 -17.12
C TYR A 251 -7.85 10.28 -15.83
N TRP A 252 -7.23 10.03 -14.69
CA TRP A 252 -7.94 10.14 -13.41
C TRP A 252 -8.34 11.58 -13.12
N ALA A 253 -7.39 12.51 -13.26
CA ALA A 253 -7.70 13.92 -13.10
C ALA A 253 -8.61 14.45 -14.20
N LYS A 254 -8.86 13.65 -15.23
CA LYS A 254 -9.78 13.96 -16.32
C LYS A 254 -9.23 15.04 -17.24
N LEU A 255 -7.90 15.17 -17.30
CA LEU A 255 -7.28 16.08 -18.26
C LEU A 255 -7.52 15.64 -19.70
N CYS A 256 -7.84 14.36 -19.91
CA CYS A 256 -8.16 13.86 -21.24
C CYS A 256 -9.33 14.61 -21.87
N TYR A 257 -10.20 15.23 -21.06
CA TYR A 257 -11.30 16.05 -21.56
C TYR A 257 -10.81 17.19 -22.45
N ILE A 258 -9.54 17.56 -22.34
CA ILE A 258 -9.02 18.61 -23.22
C ILE A 258 -8.71 18.08 -24.61
N ASP A 259 -8.42 16.79 -24.76
CA ASP A 259 -7.88 16.23 -25.99
C ASP A 259 -8.87 16.32 -27.15
N SER A 260 -8.36 16.64 -28.35
CA SER A 260 -9.12 16.47 -29.58
C SER A 260 -8.18 15.89 -30.65
N GLN A 261 -8.75 15.31 -31.69
CA GLN A 261 -7.88 14.70 -32.69
C GLN A 261 -7.09 15.73 -33.52
N THR A 262 -7.44 17.01 -33.45
CA THR A 262 -6.63 18.07 -34.05
C THR A 262 -5.58 18.62 -33.09
N ASP A 263 -5.51 18.10 -31.86
CA ASP A 263 -4.52 18.44 -30.83
C ASP A 263 -3.10 18.62 -31.37
N GLY A 264 -2.67 17.71 -32.24
CA GLY A 264 -1.26 17.47 -32.39
C GLY A 264 -0.63 16.78 -31.19
N GLY A 265 -1.44 16.31 -30.24
CA GLY A 265 -0.93 15.72 -29.01
C GLY A 265 -0.31 16.70 -28.05
N ILE A 266 -0.45 18.01 -28.28
CA ILE A 266 0.22 19.00 -27.43
C ILE A 266 -0.26 18.95 -25.98
N PRO A 267 -1.56 18.99 -25.69
CA PRO A 267 -1.98 18.92 -24.27
C PRO A 267 -1.42 17.73 -23.50
N SER A 268 -1.51 16.52 -24.06
CA SER A 268 -0.99 15.34 -23.36
C SER A 268 0.51 15.44 -23.18
N TYR A 269 1.20 15.99 -24.19
CA TYR A 269 2.63 16.24 -24.07
C TYR A 269 2.93 17.19 -22.90
N CYS A 270 2.18 18.28 -22.79
CA CYS A 270 2.31 19.20 -21.65
C CYS A 270 2.16 18.48 -20.33
N PHE A 271 1.11 17.66 -20.21
CA PHE A 271 0.85 17.01 -18.93
C PHE A 271 1.95 15.98 -18.60
N ALA A 272 2.49 15.31 -19.63
CA ALA A 272 3.64 14.43 -19.42
C ALA A 272 4.84 15.22 -18.93
N LEU A 273 5.08 16.38 -19.52
CA LEU A 273 6.19 17.23 -19.08
C LEU A 273 5.98 17.70 -17.64
N MET A 274 4.72 17.98 -17.27
CA MET A 274 4.44 18.40 -15.89
C MET A 274 4.75 17.29 -14.90
N VAL A 275 4.42 16.04 -15.27
CA VAL A 275 4.75 14.93 -14.39
C VAL A 275 6.25 14.79 -14.25
N MET A 276 6.95 14.84 -15.39
CA MET A 276 8.42 14.76 -15.39
C MET A 276 9.03 15.89 -14.55
N PHE A 277 8.48 17.10 -14.64
CA PHE A 277 8.95 18.23 -13.85
C PHE A 277 8.82 17.93 -12.38
N PHE A 278 7.63 17.47 -11.96
CA PHE A 278 7.44 17.12 -10.57
C PHE A 278 8.46 16.08 -10.11
N LEU A 279 8.71 15.07 -10.94
CA LEU A 279 9.66 14.03 -10.58
C LEU A 279 11.08 14.58 -10.46
N GLN A 280 11.42 15.60 -11.25
CA GLN A 280 12.73 16.23 -11.15
C GLN A 280 12.84 17.17 -9.96
N GLN A 281 11.70 17.73 -9.55
CA GLN A 281 11.65 18.79 -8.55
C GLN A 281 11.29 18.27 -7.17
N ARG A 282 10.95 16.99 -7.06
CA ARG A 282 10.71 16.37 -5.77
C ARG A 282 11.97 16.43 -4.91
N LYS A 283 11.80 16.30 -3.61
CA LYS A 283 12.94 16.16 -2.69
C LYS A 283 12.66 14.92 -1.84
N PRO A 284 13.34 13.79 -2.12
CA PRO A 284 14.35 13.66 -3.18
C PRO A 284 13.74 13.45 -4.57
N PRO A 285 14.50 13.74 -5.62
CA PRO A 285 13.98 13.57 -6.99
C PRO A 285 14.06 12.12 -7.47
N LEU A 286 13.17 11.79 -8.41
CA LEU A 286 13.12 10.47 -9.02
C LEU A 286 13.53 10.45 -10.48
N LEU A 287 13.77 11.61 -11.09
CA LEU A 287 14.28 11.73 -12.45
C LEU A 287 15.38 12.78 -12.46
N PRO A 288 16.41 12.60 -13.28
CA PRO A 288 17.47 13.61 -13.37
C PRO A 288 17.05 14.77 -14.25
N CYS A 289 17.81 15.84 -14.17
CA CYS A 289 17.67 16.92 -15.13
C CYS A 289 18.59 16.69 -16.31
N LEU A 290 18.25 17.29 -17.44
CA LEU A 290 18.95 17.01 -18.69
C LEU A 290 20.25 17.81 -18.85
N LEU A 291 20.44 18.84 -18.03
CA LEU A 291 21.50 19.83 -18.23
C LEU A 291 21.91 20.36 -16.87
N GLY A 292 23.20 20.51 -16.65
CA GLY A 292 23.67 20.90 -15.32
C GLY A 292 25.18 20.83 -15.18
N SER A 293 25.62 20.72 -13.92
CA SER A 293 27.01 20.98 -13.59
C SER A 293 27.96 19.90 -14.11
N TRP A 294 27.47 18.70 -14.41
CA TRP A 294 28.33 17.72 -15.06
C TRP A 294 28.82 18.19 -16.42
N ILE A 295 28.21 19.23 -16.98
CA ILE A 295 28.70 19.89 -18.18
C ILE A 295 29.70 20.95 -17.71
N GLU A 296 30.99 20.67 -17.87
CA GLU A 296 32.02 21.63 -17.51
C GLU A 296 31.77 22.95 -18.24
N GLY A 297 31.73 24.03 -17.46
CA GLY A 297 31.45 25.34 -18.01
C GLY A 297 29.99 25.69 -18.16
N PHE A 298 29.08 24.79 -17.78
CA PHE A 298 27.67 25.06 -17.96
C PHE A 298 27.20 26.17 -17.03
N ASP A 299 26.55 27.17 -17.60
CA ASP A 299 25.96 28.29 -16.87
C ASP A 299 24.45 28.24 -17.08
N PRO A 300 23.63 28.21 -16.03
CA PRO A 300 22.18 28.13 -16.24
C PRO A 300 21.62 29.29 -17.04
N LYS A 301 22.17 30.48 -16.88
CA LYS A 301 21.90 31.54 -17.85
C LYS A 301 22.54 31.13 -19.17
N ARG A 302 21.90 31.52 -20.27
CA ARG A 302 22.25 31.03 -21.61
C ARG A 302 22.14 29.50 -21.70
N MET A 303 21.31 28.88 -20.87
CA MET A 303 20.89 27.51 -21.13
C MET A 303 20.24 27.37 -22.49
N ASP A 304 19.73 28.47 -23.06
CA ASP A 304 19.10 28.43 -24.37
C ASP A 304 20.11 28.35 -25.51
N ASP A 305 21.41 28.39 -25.22
CA ASP A 305 22.42 28.08 -26.22
C ASP A 305 22.56 26.58 -26.47
N PHE A 306 21.92 25.73 -25.66
CA PHE A 306 22.03 24.29 -25.81
C PHE A 306 20.85 23.75 -26.61
N GLN A 307 21.08 22.64 -27.30
CA GLN A 307 20.05 21.94 -28.06
C GLN A 307 20.19 20.45 -27.81
N LEU A 308 19.12 19.83 -27.32
CA LEU A 308 19.10 18.41 -27.03
C LEU A 308 18.95 17.58 -28.29
N LYS A 309 19.58 16.42 -28.31
CA LYS A 309 19.66 15.58 -29.49
C LYS A 309 19.17 14.17 -29.13
N GLY A 310 19.49 13.19 -29.96
CA GLY A 310 19.06 11.82 -29.77
C GLY A 310 19.47 11.12 -28.50
N ILE A 311 19.07 9.86 -28.38
CA ILE A 311 19.36 9.02 -27.23
C ILE A 311 20.50 8.10 -27.60
N VAL A 312 21.38 7.83 -26.63
CA VAL A 312 22.51 6.92 -26.82
C VAL A 312 22.53 5.92 -25.68
N GLU A 313 22.68 4.64 -26.03
CA GLU A 313 22.68 3.50 -25.10
C GLU A 313 21.37 3.40 -24.32
N GLU A 314 20.33 4.11 -24.74
CA GLU A 314 19.07 4.22 -24.01
C GLU A 314 19.26 4.78 -22.61
N LYS A 315 20.41 5.40 -22.31
CA LYS A 315 20.72 5.91 -21.00
C LYS A 315 21.09 7.40 -20.97
N PHE A 316 21.36 7.98 -22.13
CA PHE A 316 21.85 9.33 -22.20
C PHE A 316 21.14 10.10 -23.28
N VAL A 317 21.07 11.41 -23.11
CA VAL A 317 20.58 12.29 -24.17
C VAL A 317 21.71 13.22 -24.60
N LYS A 318 21.94 13.29 -25.90
CA LYS A 318 22.99 14.13 -26.43
C LYS A 318 22.56 15.58 -26.35
N TRP A 319 23.52 16.45 -26.07
CA TRP A 319 23.34 17.90 -26.10
C TRP A 319 24.43 18.49 -26.97
N GLU A 320 24.07 19.52 -27.74
CA GLU A 320 25.02 20.30 -28.49
C GLU A 320 24.92 21.75 -28.05
N CYS A 321 26.07 22.44 -28.10
CA CYS A 321 26.16 23.87 -27.86
C CYS A 321 27.05 24.41 -28.98
N ASN A 322 26.43 24.72 -30.13
CA ASN A 322 27.18 25.04 -31.33
C ASN A 322 27.71 26.45 -31.35
N SER A 323 27.24 27.32 -30.44
CA SER A 323 27.66 28.71 -30.41
C SER A 323 28.80 28.91 -29.41
N SER A 324 29.35 30.12 -29.42
CA SER A 324 30.37 30.50 -28.45
C SER A 324 29.82 30.45 -27.04
N SER A 325 30.61 29.94 -26.11
CA SER A 325 30.14 29.70 -24.74
C SER A 325 31.34 29.40 -23.86
N ALA A 326 31.07 29.19 -22.58
CA ALA A 326 32.10 28.93 -21.59
C ALA A 326 32.33 27.44 -21.36
N THR A 327 31.61 26.57 -22.07
CA THR A 327 31.72 25.13 -21.89
C THR A 327 32.98 24.60 -22.56
N LYS A 328 33.60 23.59 -21.94
CA LYS A 328 34.79 22.99 -22.54
C LYS A 328 34.47 22.30 -23.85
N GLU A 329 33.27 21.76 -23.99
CA GLU A 329 32.95 20.87 -25.10
C GLU A 329 31.76 21.37 -25.90
N LYS A 330 31.75 21.01 -27.19
CA LYS A 330 30.69 21.40 -28.09
C LYS A 330 29.48 20.48 -28.01
N HIS A 331 29.71 19.22 -27.62
CA HIS A 331 28.63 18.24 -27.50
C HIS A 331 28.95 17.30 -26.35
N GLY A 332 27.90 16.68 -25.81
CA GLY A 332 28.05 15.73 -24.74
C GLY A 332 26.78 14.94 -24.57
N LYS A 333 26.70 14.22 -23.45
CA LYS A 333 25.53 13.41 -23.17
C LYS A 333 25.26 13.41 -21.67
N SER A 334 23.99 13.47 -21.31
CA SER A 334 23.53 13.53 -19.94
C SER A 334 22.86 12.24 -19.54
N PRO A 335 23.13 11.75 -18.33
CA PRO A 335 22.55 10.47 -17.88
C PRO A 335 21.08 10.60 -17.56
N LEU A 336 20.27 9.71 -18.12
CA LEU A 336 18.84 9.71 -17.89
C LEU A 336 18.42 9.01 -16.61
N ALA A 337 19.37 8.54 -15.81
CA ALA A 337 19.08 7.72 -14.64
C ALA A 337 19.74 8.30 -13.39
N LEU A 338 18.96 8.43 -12.33
CA LEU A 338 19.52 8.68 -11.01
C LEU A 338 20.25 7.45 -10.50
N GLU A 339 20.80 7.54 -9.30
CA GLU A 339 21.38 6.37 -8.61
C GLU A 339 20.35 5.84 -7.64
N THR A 340 19.35 5.13 -8.18
CA THR A 340 18.28 4.48 -7.44
C THR A 340 17.52 5.45 -6.53
N PRO A 341 16.66 6.30 -7.07
CA PRO A 341 15.73 7.06 -6.22
C PRO A 341 14.70 6.13 -5.63
N ASN A 342 15.14 5.32 -4.68
CA ASN A 342 14.69 3.94 -4.54
C ASN A 342 13.22 3.69 -4.22
N ARG A 343 12.75 4.03 -3.03
CA ARG A 343 11.53 3.40 -2.48
C ARG A 343 10.48 4.44 -2.07
N VAL A 344 9.55 4.73 -2.99
CA VAL A 344 8.34 5.49 -2.64
C VAL A 344 7.16 4.87 -3.39
N SER A 345 6.04 4.73 -2.70
CA SER A 345 4.89 4.08 -3.30
C SER A 345 4.20 5.01 -4.30
N LEU A 346 3.47 4.40 -5.23
CA LEU A 346 2.75 5.16 -6.24
C LEU A 346 1.66 6.03 -5.62
N GLY A 347 1.00 5.52 -4.58
CA GLY A 347 -0.03 6.33 -3.93
C GLY A 347 0.54 7.62 -3.35
N GLN A 348 1.68 7.52 -2.67
CA GLN A 348 2.30 8.70 -2.11
C GLN A 348 2.73 9.67 -3.20
N LEU A 349 3.31 9.14 -4.28
CA LEU A 349 3.72 10.00 -5.38
C LEU A 349 2.52 10.68 -6.02
N TRP A 350 1.40 9.96 -6.16
CA TRP A 350 0.20 10.51 -6.76
C TRP A 350 -0.33 11.69 -5.96
N LEU A 351 -0.46 11.50 -4.64
CA LEU A 351 -0.89 12.60 -3.79
C LEU A 351 0.11 13.76 -3.81
N GLU A 352 1.41 13.47 -3.74
CA GLU A 352 2.42 14.52 -3.79
C GLU A 352 2.33 15.30 -5.09
N LEU A 353 2.03 14.63 -6.20
CA LEU A 353 1.99 15.29 -7.49
C LEU A 353 0.81 16.25 -7.55
N LEU A 354 -0.36 15.75 -7.14
CA LEU A 354 -1.53 16.61 -7.02
C LEU A 354 -1.26 17.79 -6.10
N LYS A 355 -0.61 17.55 -4.96
CA LYS A 355 -0.36 18.64 -4.01
C LYS A 355 0.60 19.65 -4.61
N PHE A 356 1.63 19.16 -5.31
CA PHE A 356 2.61 20.03 -5.93
C PHE A 356 1.95 21.01 -6.86
N TYR A 357 0.99 20.54 -7.65
CA TYR A 357 0.36 21.47 -8.59
C TYR A 357 -0.86 22.19 -8.05
N THR A 358 -1.46 21.71 -6.96
CA THR A 358 -2.62 22.39 -6.40
C THR A 358 -2.23 23.50 -5.45
N LEU A 359 -1.22 23.24 -4.62
CA LEU A 359 -0.91 24.07 -3.46
C LEU A 359 0.49 24.66 -3.45
N ASP A 360 1.47 24.01 -4.08
CA ASP A 360 2.87 24.27 -3.77
C ASP A 360 3.65 24.97 -4.88
N PHE A 361 3.25 24.85 -6.14
CA PHE A 361 4.01 25.39 -7.25
C PHE A 361 3.25 26.57 -7.85
N ALA A 362 3.92 27.72 -7.93
CA ALA A 362 3.29 28.96 -8.39
C ALA A 362 3.23 28.95 -9.92
N LEU A 363 2.27 28.18 -10.43
CA LEU A 363 2.13 27.95 -11.87
C LEU A 363 2.18 29.24 -12.68
N GLU A 364 1.53 30.30 -12.19
CA GLU A 364 1.41 31.52 -12.97
C GLU A 364 2.70 32.33 -13.00
N GLU A 365 3.63 32.05 -12.07
CA GLU A 365 4.83 32.85 -11.88
C GLU A 365 6.10 32.22 -12.45
N TYR A 366 6.09 30.92 -12.74
CA TYR A 366 7.31 30.23 -13.10
C TYR A 366 7.12 29.48 -14.41
N VAL A 367 8.23 28.94 -14.91
CA VAL A 367 8.25 28.16 -16.15
C VAL A 367 8.50 26.71 -15.79
N ILE A 368 7.61 25.82 -16.22
CA ILE A 368 7.86 24.39 -16.10
C ILE A 368 8.94 24.03 -17.11
N CYS A 369 10.15 23.75 -16.62
CA CYS A 369 11.31 23.51 -17.46
C CYS A 369 12.00 22.24 -16.99
N VAL A 370 12.06 21.24 -17.87
CA VAL A 370 12.60 19.93 -17.49
C VAL A 370 14.06 19.78 -17.88
N ARG A 371 14.73 20.87 -18.25
CA ARG A 371 16.13 20.75 -18.62
C ARG A 371 17.07 21.03 -17.47
N ILE A 372 16.71 21.94 -16.57
CA ILE A 372 17.56 22.29 -15.45
C ILE A 372 16.74 22.18 -14.17
N GLN A 373 17.46 21.98 -13.06
CA GLN A 373 16.82 21.89 -11.75
C GLN A 373 16.45 23.26 -11.19
N ASP A 374 17.15 24.31 -11.60
CA ASP A 374 16.88 25.63 -11.06
C ASP A 374 15.52 26.13 -11.50
N ILE A 375 14.82 26.81 -10.61
CA ILE A 375 13.46 27.26 -10.89
C ILE A 375 13.50 28.55 -11.71
N LEU A 376 12.93 28.50 -12.91
CA LEU A 376 12.90 29.64 -13.80
C LEU A 376 11.66 30.50 -13.54
N THR A 377 11.89 31.78 -13.29
CA THR A 377 10.81 32.74 -13.35
C THR A 377 10.48 33.03 -14.81
N ARG A 378 9.09 33.56 -14.95
CA ARG A 378 8.80 34.05 -16.28
C ARG A 378 9.90 34.98 -16.79
N GLU A 379 10.29 35.95 -16.08
CA GLU A 379 11.25 36.94 -16.52
C GLU A 379 12.57 36.29 -16.93
N ASN A 380 12.98 35.21 -16.26
CA ASN A 380 14.20 34.51 -16.66
C ASN A 380 14.13 34.08 -18.11
N LYS A 381 12.95 33.70 -18.56
CA LYS A 381 12.71 33.30 -19.93
C LYS A 381 12.30 34.48 -20.80
N ASN A 382 12.16 35.66 -20.21
CA ASN A 382 11.50 36.81 -20.82
C ASN A 382 10.21 36.41 -21.51
N TRP A 383 9.39 35.67 -20.77
CA TRP A 383 8.07 35.25 -21.17
C TRP A 383 7.02 36.02 -20.39
N PRO A 384 5.83 36.16 -20.96
CA PRO A 384 4.76 36.89 -20.28
C PRO A 384 4.26 36.15 -19.07
N LYS A 385 3.65 36.86 -18.14
CA LYS A 385 3.13 36.25 -16.92
C LYS A 385 1.72 35.74 -17.15
N ARG A 386 1.16 35.10 -16.11
CA ARG A 386 -0.21 34.62 -16.15
C ARG A 386 -0.35 33.23 -16.77
N ARG A 387 -1.32 32.48 -16.29
CA ARG A 387 -1.64 31.16 -16.81
C ARG A 387 -0.46 30.18 -16.79
N ILE A 388 -0.44 29.26 -17.74
CA ILE A 388 0.54 28.17 -17.73
C ILE A 388 1.71 28.37 -18.69
N ALA A 389 2.89 27.99 -18.25
CA ALA A 389 4.09 28.13 -19.08
C ALA A 389 4.93 26.87 -18.98
N ILE A 390 5.11 26.17 -20.11
CA ILE A 390 5.91 24.96 -20.17
C ILE A 390 6.90 25.11 -21.32
N GLU A 391 8.18 25.09 -20.98
CA GLU A 391 9.22 25.07 -22.01
C GLU A 391 9.25 23.69 -22.68
N ASP A 392 9.13 23.68 -24.00
CA ASP A 392 9.44 22.49 -24.78
C ASP A 392 10.93 22.22 -24.70
N PRO A 393 11.37 21.10 -24.14
CA PRO A 393 12.83 20.89 -23.98
C PRO A 393 13.56 20.74 -25.31
N PHE A 394 12.87 20.42 -26.40
CA PHE A 394 13.50 20.30 -27.71
C PHE A 394 13.29 21.52 -28.60
N SER A 395 12.42 22.45 -28.22
CA SER A 395 12.25 23.73 -28.92
C SER A 395 12.09 24.78 -27.82
N VAL A 396 13.22 25.33 -27.37
CA VAL A 396 13.26 26.00 -26.07
C VAL A 396 12.71 27.42 -26.10
N LYS A 397 12.49 28.00 -27.27
CA LYS A 397 11.79 29.28 -27.32
C LYS A 397 10.28 29.10 -27.29
N ARG A 398 9.80 27.86 -27.29
CA ARG A 398 8.38 27.57 -27.46
C ARG A 398 7.75 27.24 -26.12
N ASN A 399 6.70 27.98 -25.76
CA ASN A 399 5.86 27.62 -24.61
C ASN A 399 4.76 26.69 -25.12
N VAL A 400 4.97 25.37 -24.95
CA VAL A 400 4.00 24.40 -25.46
C VAL A 400 2.65 24.52 -24.78
N ALA A 401 2.58 25.13 -23.60
CA ALA A 401 1.31 25.23 -22.91
C ALA A 401 0.42 26.37 -23.42
N ARG A 402 0.83 27.09 -24.48
CA ARG A 402 -0.01 28.16 -25.01
C ARG A 402 -1.39 27.65 -25.39
N SER A 403 -1.49 26.38 -25.80
CA SER A 403 -2.78 25.80 -26.17
C SER A 403 -3.64 25.48 -24.95
N LEU A 404 -3.05 25.42 -23.76
CA LEU A 404 -3.81 25.31 -22.53
C LEU A 404 -4.31 26.66 -22.01
N ASN A 405 -3.93 27.76 -22.64
CA ASN A 405 -4.08 29.06 -22.01
C ASN A 405 -5.30 29.84 -22.46
N SER A 406 -6.22 29.23 -23.23
CA SER A 406 -7.55 29.80 -23.32
C SER A 406 -8.15 29.85 -21.93
N GLN A 407 -9.11 30.77 -21.73
CA GLN A 407 -9.74 30.88 -20.43
C GLN A 407 -10.37 29.55 -20.01
N LEU A 408 -11.08 28.90 -20.93
CA LEU A 408 -11.78 27.66 -20.63
C LEU A 408 -10.81 26.58 -20.15
N VAL A 409 -9.76 26.32 -20.93
CA VAL A 409 -8.86 25.21 -20.61
C VAL A 409 -8.03 25.53 -19.37
N TYR A 410 -7.48 26.74 -19.27
CA TYR A 410 -6.74 27.12 -18.06
C TYR A 410 -7.57 26.92 -16.78
N GLU A 411 -8.78 27.50 -16.75
CA GLU A 411 -9.61 27.34 -15.57
C GLU A 411 -9.96 25.89 -15.33
N TYR A 412 -10.15 25.10 -16.40
CA TYR A 412 -10.43 23.69 -16.23
C TYR A 412 -9.26 22.98 -15.56
N VAL A 413 -8.03 23.25 -16.03
CA VAL A 413 -6.85 22.57 -15.49
C VAL A 413 -6.70 22.86 -14.01
N VAL A 414 -6.86 24.14 -13.64
CA VAL A 414 -6.73 24.50 -12.22
C VAL A 414 -7.84 23.82 -11.40
N GLU A 415 -9.06 23.80 -11.96
CA GLU A 415 -10.16 23.14 -11.27
C GLU A 415 -9.89 21.66 -11.08
N ARG A 416 -9.31 21.00 -12.10
CA ARG A 416 -9.10 19.56 -12.03
C ARG A 416 -8.02 19.22 -11.02
N PHE A 417 -6.96 20.04 -10.94
CA PHE A 417 -5.98 19.84 -9.87
C PHE A 417 -6.66 19.89 -8.50
N ARG A 418 -7.46 20.93 -8.25
CA ARG A 418 -8.06 21.07 -6.93
C ARG A 418 -9.05 19.93 -6.66
N ALA A 419 -9.88 19.60 -7.64
CA ALA A 419 -10.88 18.56 -7.46
C ALA A 419 -10.23 17.20 -7.24
N ALA A 420 -9.22 16.85 -8.05
CA ALA A 420 -8.55 15.57 -7.91
C ALA A 420 -7.88 15.45 -6.55
N TYR A 421 -7.13 16.49 -6.14
CA TYR A 421 -6.48 16.44 -4.84
C TYR A 421 -7.51 16.28 -3.73
N ARG A 422 -8.58 16.99 -3.82
CA ARG A 422 -9.56 16.91 -2.82
C ARG A 422 -10.13 15.52 -2.76
N TYR A 423 -10.33 14.96 -3.91
CA TYR A 423 -11.00 13.67 -4.04
C TYR A 423 -10.13 12.48 -3.62
N PHE A 424 -8.84 12.54 -3.95
CA PHE A 424 -7.94 11.41 -3.71
C PHE A 424 -7.21 11.46 -2.38
N ALA A 425 -7.17 12.63 -1.75
CA ALA A 425 -6.40 12.79 -0.52
C ALA A 425 -7.04 12.07 0.67
N CYS A 426 -8.35 11.79 0.61
CA CYS A 426 -9.03 11.10 1.71
C CYS A 426 -9.88 9.95 1.18
N PRO A 427 -9.95 8.84 1.92
CA PRO A 427 -10.79 7.71 1.49
C PRO A 427 -12.24 8.12 1.33
N GLN A 428 -12.84 7.71 0.22
CA GLN A 428 -14.15 8.21 -0.22
C GLN A 428 -15.24 7.27 0.28
N VAL A 437 -9.25 5.36 -2.47
CA VAL A 437 -10.20 5.46 -3.58
C VAL A 437 -9.64 4.72 -4.81
N ASP A 438 -10.07 3.48 -5.01
CA ASP A 438 -9.69 2.71 -6.20
C ASP A 438 -10.59 3.16 -7.35
N PHE A 439 -10.19 4.27 -7.98
CA PHE A 439 -11.03 4.88 -9.01
C PHE A 439 -11.16 3.97 -10.22
N LYS A 440 -12.39 3.75 -10.65
CA LYS A 440 -12.68 2.97 -11.85
C LYS A 440 -13.11 3.93 -12.95
N LEU A 441 -12.32 3.97 -14.02
CA LEU A 441 -12.25 5.08 -14.97
C LEU A 441 -13.61 5.44 -15.60
N GLU A 442 -14.12 4.57 -16.45
CA GLU A 442 -15.45 4.71 -17.07
C GLU A 442 -15.71 6.14 -17.59
N HIS A 443 -14.86 6.59 -18.49
CA HIS A 443 -15.16 7.76 -19.32
C HIS A 443 -15.93 7.29 -20.55
N HIS A 444 -16.93 8.06 -20.95
CA HIS A 444 -17.73 7.68 -22.10
C HIS A 444 -17.25 8.41 -23.36
N HIS A 445 -15.98 8.19 -23.69
CA HIS A 445 -15.43 8.73 -24.92
C HIS A 445 -14.19 7.94 -25.32
N HIS A 446 -13.88 7.95 -26.61
CA HIS A 446 -12.67 7.29 -27.08
C HIS A 446 -11.43 8.01 -26.54
N HIS A 447 -10.41 7.23 -26.21
CA HIS A 447 -9.11 7.74 -25.81
C HIS A 447 -8.13 7.48 -26.95
N HIS A 448 -7.75 8.54 -27.65
CA HIS A 448 -6.90 8.42 -28.84
C HIS A 448 -5.46 8.56 -28.47
N GLU B 3 46.06 -49.14 10.01
CA GLU B 3 45.25 -48.88 11.19
C GLU B 3 44.08 -47.97 10.86
N MET B 4 44.35 -46.81 10.24
CA MET B 4 43.29 -45.83 9.98
C MET B 4 42.08 -46.47 9.32
N ASP B 5 42.28 -47.59 8.60
CA ASP B 5 41.15 -48.39 8.13
C ASP B 5 40.34 -48.96 9.28
N TYR B 6 41.01 -49.63 10.20
CA TYR B 6 40.38 -50.13 11.39
C TYR B 6 39.77 -48.97 12.15
N LEU B 7 40.52 -47.90 12.29
CA LEU B 7 40.07 -46.80 13.11
C LEU B 7 38.84 -46.14 12.56
N GLU B 8 38.75 -46.02 11.26
CA GLU B 8 37.59 -45.46 10.59
C GLU B 8 36.43 -46.44 10.57
N ASN B 9 36.69 -47.73 10.73
CA ASN B 9 35.62 -48.71 10.79
C ASN B 9 35.33 -49.20 12.21
N ALA B 10 36.00 -48.67 13.22
CA ALA B 10 35.78 -49.12 14.59
C ALA B 10 34.63 -48.36 15.24
N THR B 11 33.83 -49.09 16.02
CA THR B 11 32.74 -48.50 16.79
C THR B 11 33.19 -48.09 18.18
N VAL B 12 34.36 -48.51 18.62
CA VAL B 12 34.90 -48.13 19.94
C VAL B 12 36.41 -47.99 19.80
N ILE B 13 36.96 -46.94 20.40
CA ILE B 13 38.35 -46.57 20.22
C ILE B 13 38.96 -46.25 21.57
N ASP B 14 40.15 -46.81 21.82
CA ASP B 14 40.88 -46.57 23.07
C ASP B 14 41.79 -45.37 22.86
N GLU B 15 41.33 -44.19 23.29
CA GLU B 15 42.02 -42.94 22.99
C GLU B 15 43.49 -42.99 23.37
N SER B 16 43.79 -43.57 24.54
CA SER B 16 45.17 -43.61 25.01
C SER B 16 46.05 -44.52 24.17
N ALA B 17 45.47 -45.55 23.55
CA ALA B 17 46.26 -46.41 22.69
C ALA B 17 46.62 -45.74 21.37
N LEU B 18 45.95 -44.65 21.02
CA LEU B 18 46.21 -43.98 19.76
C LEU B 18 47.63 -43.44 19.70
N THR B 19 48.27 -43.67 18.57
CA THR B 19 49.55 -43.05 18.29
C THR B 19 49.31 -41.57 17.94
N PRO B 20 50.31 -40.71 18.15
CA PRO B 20 50.09 -39.27 17.89
C PRO B 20 49.67 -38.99 16.46
N GLU B 21 50.19 -39.73 15.48
CA GLU B 21 49.71 -39.57 14.12
C GLU B 21 48.26 -39.99 14.00
N GLN B 22 47.88 -41.06 14.69
CA GLN B 22 46.49 -41.53 14.67
C GLN B 22 45.59 -40.55 15.40
N ARG B 23 46.05 -40.08 16.56
CA ARG B 23 45.29 -39.14 17.36
C ARG B 23 44.97 -37.92 16.52
N LEU B 24 45.98 -37.42 15.82
CA LEU B 24 45.81 -36.27 14.96
C LEU B 24 44.86 -36.58 13.81
N GLY B 25 45.13 -37.68 13.11
CA GLY B 25 44.30 -38.09 12.01
C GLY B 25 42.83 -38.13 12.38
N LEU B 26 42.54 -38.69 13.54
CA LEU B 26 41.18 -38.78 14.04
C LEU B 26 40.63 -37.39 14.34
N LYS B 27 41.42 -36.53 14.99
CA LYS B 27 40.94 -35.18 15.31
C LYS B 27 40.54 -34.45 14.04
N GLN B 28 41.37 -34.52 13.00
CA GLN B 28 41.06 -33.82 11.77
C GLN B 28 39.83 -34.42 11.09
N ALA B 29 39.72 -35.76 11.07
CA ALA B 29 38.55 -36.39 10.48
C ALA B 29 37.27 -36.01 11.22
N GLU B 30 37.34 -35.96 12.56
CA GLU B 30 36.16 -35.62 13.35
C GLU B 30 35.77 -34.16 13.19
N GLU B 31 36.74 -33.27 13.00
CA GLU B 31 36.41 -31.89 12.70
C GLU B 31 35.71 -31.76 11.35
N ARG B 32 36.25 -32.43 10.33
CA ARG B 32 35.58 -32.43 9.03
C ARG B 32 34.18 -33.02 9.13
N LEU B 33 33.98 -34.00 10.01
CA LEU B 33 32.64 -34.55 10.23
C LEU B 33 31.74 -33.54 10.92
N GLU B 34 32.30 -32.75 11.84
CA GLU B 34 31.54 -31.66 12.46
C GLU B 34 31.07 -30.66 11.43
N ARG B 35 31.85 -30.48 10.35
CA ARG B 35 31.41 -29.59 9.28
C ARG B 35 30.07 -30.04 8.69
N ASP B 36 29.75 -31.33 8.77
CA ASP B 36 28.49 -31.86 8.27
C ASP B 36 27.52 -32.22 9.41
N HIS B 37 27.58 -31.47 10.51
CA HIS B 37 26.67 -31.62 11.65
C HIS B 37 26.75 -32.99 12.29
N ILE B 38 27.86 -33.70 12.13
CA ILE B 38 28.08 -34.98 12.78
C ILE B 38 29.08 -34.75 13.91
N PHE B 39 28.68 -35.15 15.11
CA PHE B 39 29.48 -34.94 16.30
C PHE B 39 29.67 -36.22 17.09
N ARG B 40 30.75 -36.25 17.86
CA ARG B 40 31.13 -37.42 18.65
C ARG B 40 30.09 -37.78 19.70
N LEU B 41 29.53 -36.77 20.36
CA LEU B 41 28.85 -36.91 21.65
C LEU B 41 27.46 -37.59 21.69
N GLU B 42 27.00 -37.84 22.91
CA GLU B 42 25.73 -38.52 23.21
C GLU B 42 25.83 -40.03 23.44
N LYS B 43 27.04 -40.55 23.54
CA LYS B 43 27.23 -41.98 23.79
C LYS B 43 26.61 -42.39 25.12
N ARG B 44 26.75 -41.53 26.13
CA ARG B 44 26.17 -41.83 27.44
C ARG B 44 24.65 -41.89 27.34
N SER B 45 24.05 -42.83 28.07
CA SER B 45 22.60 -43.03 27.99
C SER B 45 22.28 -43.30 26.53
N PRO B 46 23.16 -44.07 25.89
CA PRO B 46 23.12 -44.24 24.43
C PRO B 46 21.77 -44.50 23.76
N GLU B 47 20.88 -45.32 24.35
CA GLU B 47 19.66 -45.70 23.66
C GLU B 47 20.10 -46.66 22.55
N TYR B 48 21.03 -46.17 21.74
CA TYR B 48 21.73 -46.99 20.77
C TYR B 48 23.14 -47.16 21.31
N THR B 49 23.57 -48.42 21.45
CA THR B 49 24.79 -48.76 22.18
C THR B 49 26.02 -48.56 21.31
N ASN B 50 26.09 -49.24 20.17
CA ASN B 50 27.33 -49.29 19.41
C ASN B 50 27.63 -47.97 18.72
N CYS B 51 26.61 -47.28 18.22
CA CYS B 51 26.84 -46.08 17.42
C CYS B 51 27.53 -45.00 18.24
N ARG B 52 28.47 -44.29 17.60
CA ARG B 52 29.45 -43.44 18.27
C ARG B 52 29.30 -41.97 17.96
N TYR B 53 28.92 -41.61 16.73
CA TYR B 53 28.65 -40.23 16.34
C TYR B 53 27.16 -40.03 16.12
N LEU B 54 26.76 -38.76 16.12
CA LEU B 54 25.37 -38.39 15.87
C LEU B 54 25.35 -37.22 14.89
N CYS B 55 24.56 -37.36 13.83
CA CYS B 55 24.27 -36.26 12.93
C CYS B 55 23.07 -35.50 13.49
N LYS B 56 23.30 -34.24 13.88
CA LYS B 56 22.22 -33.39 14.36
C LYS B 56 21.12 -33.25 13.31
N LEU B 57 21.49 -32.87 12.09
CA LEU B 57 20.53 -32.62 11.02
C LEU B 57 19.57 -33.80 10.86
N CYS B 58 20.11 -34.96 10.50
CA CYS B 58 19.28 -36.15 10.37
C CYS B 58 18.84 -36.69 11.72
N LEU B 59 19.42 -36.21 12.82
CA LEU B 59 19.26 -36.84 14.12
C LEU B 59 19.46 -38.34 14.00
N ILE B 60 20.59 -38.72 13.40
CA ILE B 60 20.84 -40.12 13.06
C ILE B 60 22.21 -40.53 13.58
N HIS B 61 22.21 -41.70 14.23
CA HIS B 61 23.37 -42.30 14.86
C HIS B 61 24.21 -43.08 13.87
N ILE B 62 25.49 -42.78 13.79
CA ILE B 62 26.36 -43.60 12.96
C ILE B 62 27.48 -44.11 13.85
N GLU B 63 27.96 -45.32 13.54
CA GLU B 63 28.86 -46.03 14.44
C GLU B 63 30.34 -45.94 14.07
N ASN B 64 30.69 -45.35 12.93
CA ASN B 64 32.10 -45.22 12.57
C ASN B 64 32.27 -44.12 11.53
N ILE B 65 33.52 -43.89 11.16
CA ILE B 65 33.88 -42.78 10.28
C ILE B 65 33.53 -43.09 8.83
N GLN B 66 33.86 -44.30 8.37
CA GLN B 66 33.37 -44.75 7.06
C GLN B 66 31.85 -44.59 6.98
N GLY B 67 31.16 -44.91 8.06
CA GLY B 67 29.72 -44.77 8.08
C GLY B 67 29.26 -43.33 7.92
N ALA B 68 29.89 -42.41 8.64
CA ALA B 68 29.53 -41.01 8.51
C ALA B 68 29.80 -40.49 7.10
N HIS B 69 30.95 -40.86 6.53
CA HIS B 69 31.26 -40.47 5.16
C HIS B 69 30.19 -40.94 4.19
N LYS B 70 29.80 -42.22 4.29
CA LYS B 70 28.77 -42.71 3.36
C LYS B 70 27.40 -42.12 3.67
N HIS B 71 27.17 -41.69 4.92
CA HIS B 71 25.91 -41.02 5.24
C HIS B 71 25.85 -39.63 4.62
N ILE B 72 26.99 -38.94 4.49
CA ILE B 72 26.96 -37.61 3.91
C ILE B 72 26.49 -37.66 2.45
N LYS B 73 26.75 -38.77 1.76
CA LYS B 73 26.54 -38.87 0.32
C LYS B 73 25.16 -39.38 -0.08
N GLU B 74 24.25 -39.63 0.87
CA GLU B 74 22.99 -40.27 0.55
C GLU B 74 21.83 -39.27 0.57
N LYS B 75 20.62 -39.79 0.42
CA LYS B 75 19.43 -38.96 0.20
C LYS B 75 19.20 -37.98 1.35
N ARG B 76 19.18 -38.50 2.58
CA ARG B 76 18.67 -37.74 3.73
C ARG B 76 19.55 -36.54 4.05
N HIS B 77 20.87 -36.75 4.09
CA HIS B 77 21.80 -35.67 4.45
C HIS B 77 21.73 -34.53 3.45
N LYS B 78 21.73 -34.87 2.16
CA LYS B 78 21.71 -33.84 1.13
C LYS B 78 20.39 -33.09 1.13
N LYS B 79 19.28 -33.80 1.39
CA LYS B 79 18.00 -33.11 1.58
C LYS B 79 18.09 -32.08 2.70
N ASN B 80 18.56 -32.50 3.88
CA ASN B 80 18.57 -31.58 5.03
C ASN B 80 19.54 -30.42 4.82
N ILE B 81 20.66 -30.67 4.16
CA ILE B 81 21.61 -29.60 3.85
C ILE B 81 20.96 -28.57 2.94
N LEU B 82 20.29 -29.05 1.87
CA LEU B 82 19.59 -28.12 0.98
C LEU B 82 18.57 -27.29 1.74
N GLU B 83 17.86 -27.90 2.68
CA GLU B 83 16.80 -27.16 3.35
C GLU B 83 17.35 -26.15 4.35
N LYS B 84 18.46 -26.45 5.02
CA LYS B 84 19.09 -25.42 5.86
C LYS B 84 19.65 -24.28 4.99
N GLN B 85 20.14 -24.64 3.81
CA GLN B 85 20.61 -23.67 2.86
C GLN B 85 19.45 -22.75 2.53
N GLU B 86 18.26 -23.33 2.38
CA GLU B 86 17.08 -22.54 2.10
C GLU B 86 16.84 -21.55 3.21
N GLU B 87 16.82 -22.04 4.45
CA GLU B 87 16.65 -21.18 5.61
C GLU B 87 17.57 -19.97 5.53
N SER B 88 18.84 -20.21 5.22
CA SER B 88 19.79 -19.11 5.14
C SER B 88 19.36 -18.11 4.09
N GLU B 89 18.83 -18.63 2.99
CA GLU B 89 18.22 -17.78 1.96
C GLU B 89 17.12 -16.91 2.54
N LEU B 90 16.16 -17.54 3.25
CA LEU B 90 15.11 -16.79 3.93
C LEU B 90 15.67 -15.67 4.78
N ARG B 91 16.76 -15.93 5.50
CA ARG B 91 17.31 -14.89 6.36
C ARG B 91 17.87 -13.74 5.55
N SER B 92 18.33 -13.99 4.33
CA SER B 92 18.97 -12.94 3.54
C SER B 92 18.05 -12.36 2.46
N LEU B 93 16.74 -12.29 2.73
CA LEU B 93 15.80 -11.82 1.71
C LEU B 93 15.86 -10.29 1.59
N PRO B 94 15.88 -9.77 0.36
CA PRO B 94 15.90 -8.32 0.18
C PRO B 94 14.60 -7.70 0.68
N PRO B 95 14.63 -6.43 1.07
CA PRO B 95 13.40 -5.81 1.56
C PRO B 95 12.37 -5.70 0.45
N PRO B 96 11.09 -5.75 0.79
CA PRO B 96 10.05 -5.69 -0.24
C PRO B 96 9.84 -4.27 -0.77
N SER B 97 9.55 -4.19 -2.06
CA SER B 97 9.28 -2.93 -2.73
C SER B 97 7.99 -2.29 -2.20
N PRO B 98 7.84 -0.97 -2.39
CA PRO B 98 6.57 -0.33 -2.02
C PRO B 98 5.35 -0.91 -2.73
N ALA B 99 5.45 -1.17 -4.04
CA ALA B 99 4.33 -1.76 -4.76
C ALA B 99 3.92 -3.10 -4.15
N HIS B 100 4.88 -3.91 -3.72
CA HIS B 100 4.53 -5.23 -3.19
C HIS B 100 3.87 -5.11 -1.83
N LEU B 101 4.38 -4.22 -0.98
CA LEU B 101 3.73 -3.95 0.30
C LEU B 101 2.30 -3.46 0.09
N ALA B 102 2.09 -2.62 -0.92
CA ALA B 102 0.74 -2.13 -1.18
C ALA B 102 -0.17 -3.25 -1.65
N ALA B 103 0.31 -4.08 -2.58
CA ALA B 103 -0.46 -5.22 -3.03
C ALA B 103 -0.88 -6.09 -1.85
N LEU B 104 0.07 -6.39 -0.95
CA LEU B 104 -0.24 -7.20 0.23
C LEU B 104 -1.26 -6.50 1.13
N SER B 105 -1.10 -5.20 1.35
CA SER B 105 -2.00 -4.44 2.22
C SER B 105 -3.44 -4.50 1.71
N VAL B 106 -3.62 -4.22 0.42
CA VAL B 106 -4.96 -4.26 -0.17
C VAL B 106 -5.52 -5.69 -0.15
N ALA B 107 -4.67 -6.69 -0.41
CA ALA B 107 -5.16 -8.06 -0.41
C ALA B 107 -5.62 -8.49 0.99
N VAL B 108 -4.90 -8.08 2.04
CA VAL B 108 -5.28 -8.44 3.40
C VAL B 108 -6.61 -7.79 3.78
N ILE B 109 -6.72 -6.48 3.54
CA ILE B 109 -7.97 -5.83 3.93
C ILE B 109 -9.13 -6.34 3.08
N GLU B 110 -8.88 -6.74 1.83
CA GLU B 110 -9.98 -7.25 1.02
C GLU B 110 -10.41 -8.63 1.48
N LEU B 111 -9.47 -9.48 1.94
CA LEU B 111 -9.90 -10.73 2.54
C LEU B 111 -10.89 -10.47 3.68
N ALA B 112 -10.54 -9.55 4.58
CA ALA B 112 -11.48 -9.24 5.68
C ALA B 112 -12.81 -8.69 5.16
N LYS B 113 -12.76 -7.72 4.24
CA LYS B 113 -13.97 -7.01 3.83
C LYS B 113 -14.91 -7.90 3.03
N GLU B 114 -14.38 -8.80 2.21
CA GLU B 114 -15.18 -9.61 1.32
C GLU B 114 -15.55 -10.97 1.92
N HIS B 115 -14.77 -11.50 2.84
CA HIS B 115 -15.06 -12.83 3.36
C HIS B 115 -15.21 -12.86 4.87
N GLY B 116 -15.01 -11.73 5.55
CA GLY B 116 -15.11 -11.69 6.99
C GLY B 116 -16.53 -11.42 7.46
N ILE B 117 -16.68 -11.37 8.78
CA ILE B 117 -17.96 -11.13 9.42
C ILE B 117 -18.14 -9.62 9.53
N THR B 118 -19.06 -9.06 8.75
CA THR B 118 -19.36 -7.63 8.79
C THR B 118 -20.36 -7.33 9.90
N ASP B 119 -20.63 -6.03 10.09
CA ASP B 119 -21.60 -5.60 11.09
C ASP B 119 -23.01 -6.10 10.78
N ASP B 120 -23.39 -6.19 9.50
CA ASP B 120 -24.68 -6.80 9.16
C ASP B 120 -24.69 -8.28 9.51
N ASP B 121 -23.59 -8.99 9.25
CA ASP B 121 -23.50 -10.40 9.64
C ASP B 121 -23.62 -10.56 11.15
N LEU B 122 -22.97 -9.68 11.91
CA LEU B 122 -23.13 -9.74 13.37
C LEU B 122 -24.57 -9.48 13.77
N ARG B 123 -25.23 -8.52 13.10
CA ARG B 123 -26.64 -8.25 13.35
C ARG B 123 -27.47 -9.52 13.17
N VAL B 124 -27.25 -10.22 12.06
CA VAL B 124 -27.97 -11.47 11.79
C VAL B 124 -27.74 -12.49 12.91
N ARG B 125 -26.50 -12.59 13.39
CA ARG B 125 -26.18 -13.59 14.41
C ARG B 125 -26.78 -13.24 15.77
N GLN B 126 -26.76 -11.94 16.12
CA GLN B 126 -27.41 -11.51 17.35
C GLN B 126 -28.92 -11.75 17.30
N GLU B 127 -29.52 -11.55 16.13
CA GLU B 127 -30.95 -11.84 16.02
C GLU B 127 -31.24 -13.33 16.14
N ILE B 128 -30.33 -14.18 15.65
CA ILE B 128 -30.44 -15.61 15.96
C ILE B 128 -30.49 -15.83 17.46
N VAL B 129 -29.60 -15.16 18.19
CA VAL B 129 -29.57 -15.36 19.64
C VAL B 129 -30.87 -14.87 20.29
N GLU B 130 -31.42 -13.77 19.76
CA GLU B 130 -32.67 -13.23 20.31
C GLU B 130 -33.84 -14.19 20.09
N GLU B 131 -33.99 -14.69 18.86
CA GLU B 131 -35.06 -15.65 18.57
C GLU B 131 -34.90 -16.92 19.42
N MET B 132 -33.68 -17.47 19.46
CA MET B 132 -33.48 -18.67 20.26
C MET B 132 -33.74 -18.39 21.73
N SER B 133 -33.46 -17.18 22.20
CA SER B 133 -33.73 -16.86 23.60
C SER B 133 -35.22 -16.87 23.86
N LYS B 134 -36.01 -16.31 22.94
CA LYS B 134 -37.46 -16.49 23.00
C LYS B 134 -37.78 -17.96 23.22
N VAL B 135 -37.28 -18.81 22.31
CA VAL B 135 -37.73 -20.20 22.26
C VAL B 135 -37.33 -20.97 23.52
N ILE B 136 -36.11 -20.75 24.02
CA ILE B 136 -35.67 -21.49 25.21
C ILE B 136 -36.34 -20.94 26.46
N THR B 137 -36.44 -19.60 26.58
CA THR B 137 -37.04 -19.00 27.77
C THR B 137 -38.50 -19.38 27.91
N THR B 138 -39.22 -19.54 26.80
CA THR B 138 -40.62 -19.94 26.92
C THR B 138 -40.78 -21.33 27.53
N PHE B 139 -39.67 -21.96 27.86
CA PHE B 139 -39.70 -23.21 28.55
C PHE B 139 -38.84 -23.11 29.77
N LEU B 140 -37.91 -22.18 29.77
CA LEU B 140 -37.03 -22.05 30.92
C LEU B 140 -37.19 -20.75 31.61
N PRO B 141 -36.75 -20.78 32.93
CA PRO B 141 -37.10 -19.57 33.67
C PRO B 141 -36.22 -18.46 33.19
N GLU B 142 -35.10 -18.20 33.84
CA GLU B 142 -34.12 -17.33 33.30
C GLU B 142 -32.85 -18.10 33.21
N CYS B 143 -32.74 -18.83 32.12
CA CYS B 143 -31.48 -19.13 31.57
C CYS B 143 -31.28 -17.91 30.72
N SER B 144 -30.04 -17.49 30.57
CA SER B 144 -29.60 -16.44 29.69
C SER B 144 -28.93 -17.06 28.46
N LEU B 145 -29.04 -16.38 27.33
CA LEU B 145 -28.37 -16.76 26.10
C LEU B 145 -27.48 -15.62 25.65
N ARG B 146 -26.24 -15.93 25.26
CA ARG B 146 -25.42 -14.91 24.65
C ARG B 146 -24.56 -15.53 23.56
N LEU B 147 -24.02 -14.65 22.74
CA LEU B 147 -23.22 -15.00 21.59
C LEU B 147 -21.74 -14.92 21.98
N TYR B 148 -20.95 -15.90 21.54
CA TYR B 148 -19.51 -15.80 21.79
C TYR B 148 -18.74 -16.32 20.57
N GLY B 149 -17.41 -16.36 20.72
CA GLY B 149 -16.59 -16.86 19.63
C GLY B 149 -16.50 -15.89 18.46
N SER B 150 -16.28 -16.46 17.28
CA SER B 150 -15.86 -15.68 16.13
C SER B 150 -16.93 -14.69 15.67
N SER B 151 -18.21 -15.04 15.86
CA SER B 151 -19.29 -14.10 15.57
C SER B 151 -18.97 -12.73 16.13
N LEU B 152 -18.44 -12.68 17.36
CA LEU B 152 -18.10 -11.42 17.98
C LEU B 152 -16.67 -11.00 17.71
N THR B 153 -15.74 -11.95 17.59
CA THR B 153 -14.34 -11.54 17.44
C THR B 153 -14.01 -11.15 16.01
N ARG B 154 -14.80 -11.61 15.04
CA ARG B 154 -14.55 -11.51 13.61
C ARG B 154 -13.34 -12.35 13.19
N PHE B 155 -12.87 -13.25 14.04
CA PHE B 155 -11.70 -14.06 13.74
C PHE B 155 -12.00 -15.32 12.93
N ALA B 156 -13.19 -15.42 12.32
CA ALA B 156 -13.48 -16.43 11.33
C ALA B 156 -14.32 -15.77 10.24
N LEU B 157 -14.55 -16.50 9.15
CA LEU B 157 -15.15 -15.96 7.94
C LEU B 157 -16.68 -15.97 8.03
N LYS B 158 -17.28 -15.32 7.04
CA LYS B 158 -18.73 -15.13 6.85
C LYS B 158 -19.55 -16.38 7.15
N SER B 159 -19.05 -17.53 6.76
CA SER B 159 -19.80 -18.78 6.79
C SER B 159 -19.68 -19.51 8.12
N SER B 160 -18.90 -19.00 9.06
CA SER B 160 -18.51 -19.79 10.23
C SER B 160 -19.70 -19.99 11.16
N ASP B 161 -19.50 -20.88 12.13
CA ASP B 161 -20.57 -21.28 13.03
C ASP B 161 -20.94 -20.14 13.97
N VAL B 162 -22.12 -20.25 14.55
CA VAL B 162 -22.67 -19.27 15.49
C VAL B 162 -22.65 -19.94 16.86
N ASN B 163 -21.78 -19.45 17.74
CA ASN B 163 -21.59 -20.04 19.05
C ASN B 163 -22.49 -19.32 20.05
N ILE B 164 -23.36 -20.08 20.70
CA ILE B 164 -24.34 -19.54 21.64
C ILE B 164 -24.14 -20.28 22.96
N ASP B 165 -23.94 -19.53 24.05
CA ASP B 165 -23.79 -20.11 25.37
C ASP B 165 -24.97 -19.76 26.25
N ILE B 166 -25.38 -20.72 27.08
CA ILE B 166 -26.51 -20.57 27.98
C ILE B 166 -25.99 -20.38 29.40
N LYS B 167 -26.41 -19.30 30.05
CA LYS B 167 -26.22 -19.15 31.48
C LYS B 167 -27.37 -19.83 32.21
N PHE B 168 -27.10 -20.36 33.40
CA PHE B 168 -28.11 -21.09 34.13
C PHE B 168 -27.72 -21.17 35.60
N PRO B 169 -28.68 -21.32 36.50
CA PRO B 169 -28.34 -21.42 37.93
C PRO B 169 -27.83 -22.80 38.27
N PRO B 170 -27.07 -22.94 39.35
CA PRO B 170 -26.62 -24.27 39.78
C PRO B 170 -27.80 -25.16 40.14
N LYS B 171 -27.79 -26.40 39.63
CA LYS B 171 -28.86 -27.37 39.84
C LYS B 171 -30.21 -26.74 39.48
N MET B 172 -30.45 -26.50 38.19
CA MET B 172 -30.03 -27.26 36.99
C MET B 172 -28.67 -27.95 36.80
N ASN B 173 -28.72 -29.21 36.35
CA ASN B 173 -27.54 -29.97 35.99
C ASN B 173 -27.28 -29.84 34.49
N HIS B 174 -26.05 -29.45 34.14
CA HIS B 174 -25.65 -29.18 32.75
C HIS B 174 -26.04 -30.27 31.75
N PRO B 175 -25.78 -31.56 32.00
CA PRO B 175 -26.21 -32.60 31.04
C PRO B 175 -27.72 -32.58 30.77
N ASP B 176 -28.51 -32.63 31.83
CA ASP B 176 -29.95 -32.61 31.68
C ASP B 176 -30.37 -31.38 30.90
N LEU B 177 -29.74 -30.26 31.20
CA LEU B 177 -30.05 -29.00 30.54
C LEU B 177 -29.90 -29.11 29.03
N LEU B 178 -28.72 -29.55 28.60
CA LEU B 178 -28.46 -29.71 27.18
C LEU B 178 -29.42 -30.72 26.57
N ILE B 179 -29.91 -31.64 27.39
CA ILE B 179 -30.87 -32.64 26.93
C ILE B 179 -32.23 -32.00 26.69
N LYS B 180 -32.71 -31.22 27.66
CA LYS B 180 -33.94 -30.46 27.48
C LYS B 180 -33.82 -29.50 26.30
N VAL B 181 -32.70 -28.78 26.21
CA VAL B 181 -32.54 -27.82 25.12
C VAL B 181 -32.58 -28.53 23.77
N LEU B 182 -32.00 -29.74 23.71
CA LEU B 182 -32.07 -30.55 22.50
C LEU B 182 -33.51 -30.85 22.11
N GLY B 183 -34.29 -31.36 23.08
CA GLY B 183 -35.69 -31.62 22.78
C GLY B 183 -36.42 -30.40 22.28
N ILE B 184 -36.20 -29.27 22.97
CA ILE B 184 -36.88 -28.02 22.62
C ILE B 184 -36.59 -27.64 21.17
N LEU B 185 -35.30 -27.57 20.82
CA LEU B 185 -34.97 -27.13 19.47
C LEU B 185 -35.42 -28.14 18.43
N LYS B 186 -35.44 -29.41 18.80
CA LYS B 186 -35.94 -30.45 17.92
C LYS B 186 -37.42 -30.24 17.62
N LYS B 187 -38.14 -29.65 18.56
CA LYS B 187 -39.57 -29.41 18.36
C LYS B 187 -39.86 -28.11 17.60
N ASN B 188 -38.98 -27.13 17.69
CA ASN B 188 -39.28 -25.81 17.15
C ASN B 188 -39.01 -25.74 15.65
N VAL B 189 -39.87 -25.00 14.93
CA VAL B 189 -39.79 -24.94 13.47
C VAL B 189 -38.78 -23.93 12.96
N LEU B 190 -38.20 -23.10 13.83
CA LEU B 190 -37.15 -22.19 13.41
C LEU B 190 -35.86 -22.90 13.04
N TYR B 191 -35.72 -24.18 13.37
CA TYR B 191 -34.45 -24.87 13.27
C TYR B 191 -34.65 -26.22 12.58
N VAL B 192 -33.63 -26.63 11.83
CA VAL B 192 -33.61 -27.97 11.23
C VAL B 192 -32.25 -28.58 11.51
N ASP B 193 -32.16 -29.89 11.27
CA ASP B 193 -30.93 -30.64 11.44
C ASP B 193 -30.41 -30.54 12.87
N VAL B 194 -31.34 -30.48 13.84
CA VAL B 194 -30.97 -30.45 15.25
C VAL B 194 -30.44 -31.81 15.66
N GLU B 195 -29.34 -31.80 16.41
CA GLU B 195 -28.54 -32.99 16.67
C GLU B 195 -27.67 -32.71 17.88
N SER B 196 -27.39 -33.74 18.66
CA SER B 196 -26.48 -33.55 19.78
C SER B 196 -25.04 -33.72 19.30
N ASP B 197 -24.13 -33.00 19.94
CA ASP B 197 -22.69 -33.12 19.75
C ASP B 197 -22.06 -33.09 21.15
N PHE B 198 -22.52 -34.01 22.00
CA PHE B 198 -22.06 -34.09 23.39
C PHE B 198 -20.68 -34.72 23.54
N HIS B 199 -20.11 -35.29 22.47
CA HIS B 199 -18.78 -35.88 22.57
C HIS B 199 -17.68 -34.87 22.29
N ALA B 200 -17.99 -33.81 21.54
CA ALA B 200 -17.04 -32.75 21.22
C ALA B 200 -16.37 -32.22 22.48
N LYS B 201 -15.19 -31.61 22.32
CA LYS B 201 -14.45 -31.09 23.47
C LYS B 201 -15.32 -30.20 24.35
N VAL B 202 -16.20 -29.39 23.76
CA VAL B 202 -17.27 -28.70 24.46
C VAL B 202 -18.59 -29.36 24.08
N PRO B 203 -19.33 -29.91 24.99
CA PRO B 203 -20.62 -30.45 24.59
C PRO B 203 -21.64 -29.42 24.11
N VAL B 204 -22.26 -29.67 22.97
CA VAL B 204 -23.23 -28.77 22.42
C VAL B 204 -24.40 -29.42 21.75
N VAL B 205 -25.40 -28.61 21.49
CA VAL B 205 -26.46 -28.95 20.59
C VAL B 205 -26.21 -28.22 19.30
N VAL B 206 -26.25 -28.95 18.21
CA VAL B 206 -26.05 -28.39 16.88
C VAL B 206 -27.41 -28.21 16.22
N CYS B 207 -27.58 -27.07 15.56
CA CYS B 207 -28.78 -26.89 14.73
C CYS B 207 -28.47 -25.91 13.61
N ARG B 208 -29.34 -25.87 12.62
CA ARG B 208 -29.22 -24.94 11.52
C ARG B 208 -30.38 -23.96 11.59
N ASP B 209 -30.07 -22.67 11.74
CA ASP B 209 -31.08 -21.64 11.71
C ASP B 209 -31.69 -21.56 10.32
N ARG B 210 -33.01 -21.78 10.22
CA ARG B 210 -33.69 -21.78 8.93
C ARG B 210 -33.49 -20.47 8.20
N LYS B 211 -33.73 -19.34 8.87
CA LYS B 211 -33.78 -18.06 8.19
C LYS B 211 -32.42 -17.67 7.61
N SER B 212 -31.35 -17.90 8.37
CA SER B 212 -30.02 -17.48 7.95
C SER B 212 -29.23 -18.57 7.26
N GLY B 213 -29.62 -19.84 7.42
CA GLY B 213 -28.81 -20.96 6.99
C GLY B 213 -27.58 -21.22 7.83
N LEU B 214 -27.31 -20.42 8.84
CA LEU B 214 -26.08 -20.57 9.61
C LEU B 214 -26.20 -21.73 10.60
N LEU B 215 -25.12 -22.49 10.71
CA LEU B 215 -25.01 -23.55 11.70
C LEU B 215 -24.73 -22.94 13.07
N CYS B 216 -25.52 -23.33 14.08
CA CYS B 216 -25.35 -22.92 15.46
C CYS B 216 -24.86 -24.08 16.31
N ARG B 217 -24.02 -23.75 17.30
CA ARG B 217 -23.52 -24.68 18.30
C ARG B 217 -23.79 -24.08 19.67
N VAL B 218 -24.63 -24.75 20.44
CA VAL B 218 -25.22 -24.18 21.65
C VAL B 218 -24.67 -24.96 22.83
N SER B 219 -23.88 -24.27 23.64
CA SER B 219 -23.23 -24.81 24.82
C SER B 219 -23.90 -24.26 26.07
N ALA B 220 -23.45 -24.77 27.22
CA ALA B 220 -23.97 -24.36 28.51
C ALA B 220 -22.82 -24.02 29.44
N GLY B 221 -22.93 -22.87 30.11
CA GLY B 221 -21.94 -22.48 31.11
C GLY B 221 -20.52 -22.42 30.62
N ASN B 222 -20.32 -21.96 29.39
CA ASN B 222 -18.95 -21.84 28.87
C ASN B 222 -18.44 -20.43 29.13
N ASP B 223 -18.23 -20.14 30.42
CA ASP B 223 -17.95 -18.78 30.85
C ASP B 223 -16.59 -18.29 30.36
N MET B 224 -15.55 -19.13 30.45
CA MET B 224 -14.22 -18.70 30.06
C MET B 224 -14.17 -18.33 28.59
N ALA B 225 -14.91 -19.07 27.74
CA ALA B 225 -14.93 -18.75 26.32
C ALA B 225 -15.58 -17.39 26.08
N CYS B 226 -16.56 -17.02 26.91
CA CYS B 226 -17.19 -15.71 26.80
C CYS B 226 -16.25 -14.60 27.24
N LEU B 227 -15.53 -14.78 28.35
CA LEU B 227 -14.55 -13.78 28.74
C LEU B 227 -13.48 -13.62 27.66
N THR B 228 -13.04 -14.73 27.08
CA THR B 228 -12.06 -14.69 25.99
C THR B 228 -12.59 -13.90 24.80
N THR B 229 -13.81 -14.24 24.37
CA THR B 229 -14.44 -13.53 23.27
C THR B 229 -14.52 -12.03 23.56
N ASP B 230 -14.91 -11.67 24.79
CA ASP B 230 -15.08 -10.24 25.07
C ASP B 230 -13.76 -9.52 25.00
N LEU B 231 -12.70 -10.09 25.58
CA LEU B 231 -11.40 -9.43 25.52
C LEU B 231 -10.93 -9.26 24.07
N LEU B 232 -11.01 -10.33 23.28
CA LEU B 232 -10.52 -10.27 21.91
C LEU B 232 -11.39 -9.34 21.05
N THR B 233 -12.70 -9.34 21.28
CA THR B 233 -13.60 -8.42 20.60
C THR B 233 -13.20 -6.96 20.89
N ALA B 234 -12.95 -6.66 22.16
CA ALA B 234 -12.59 -5.30 22.54
C ALA B 234 -11.28 -4.88 21.89
N LEU B 235 -10.27 -5.75 21.95
CA LEU B 235 -8.99 -5.45 21.30
C LEU B 235 -9.19 -5.20 19.81
N GLY B 236 -10.00 -6.02 19.16
CA GLY B 236 -10.21 -5.87 17.73
C GLY B 236 -10.99 -4.63 17.37
N LYS B 237 -11.85 -4.14 18.27
CA LYS B 237 -12.49 -2.85 18.06
C LYS B 237 -11.48 -1.72 18.17
N ILE B 238 -10.55 -1.82 19.12
CA ILE B 238 -9.66 -0.70 19.38
C ILE B 238 -8.53 -0.63 18.35
N GLU B 239 -8.02 -1.78 17.90
CA GLU B 239 -6.88 -1.81 16.99
C GLU B 239 -7.27 -2.44 15.65
N PRO B 240 -7.47 -1.66 14.60
CA PRO B 240 -8.05 -2.21 13.37
C PRO B 240 -7.19 -3.27 12.65
N VAL B 241 -5.89 -3.38 12.91
CA VAL B 241 -5.12 -4.39 12.17
C VAL B 241 -5.27 -5.80 12.73
N PHE B 242 -5.82 -5.93 13.94
CA PHE B 242 -5.88 -7.23 14.61
C PHE B 242 -6.71 -8.24 13.82
N ILE B 243 -7.94 -7.87 13.48
CA ILE B 243 -8.83 -8.79 12.77
C ILE B 243 -8.27 -9.23 11.42
N PRO B 244 -7.87 -8.32 10.51
CA PRO B 244 -7.36 -8.81 9.22
C PRO B 244 -6.07 -9.61 9.36
N LEU B 245 -5.20 -9.27 10.32
CA LEU B 245 -4.01 -10.10 10.50
C LEU B 245 -4.38 -11.51 10.95
N VAL B 246 -5.32 -11.65 11.90
CA VAL B 246 -5.75 -12.97 12.33
C VAL B 246 -6.34 -13.75 11.16
N LEU B 247 -7.14 -13.08 10.33
CA LEU B 247 -7.75 -13.78 9.21
C LEU B 247 -6.69 -14.27 8.22
N ALA B 248 -5.70 -13.42 7.93
CA ALA B 248 -4.65 -13.81 6.99
C ALA B 248 -3.81 -14.95 7.55
N PHE B 249 -3.44 -14.86 8.83
CA PHE B 249 -2.70 -15.92 9.51
C PHE B 249 -3.45 -17.25 9.45
N ARG B 250 -4.72 -17.25 9.84
CA ARG B 250 -5.51 -18.48 9.81
C ARG B 250 -5.61 -19.05 8.40
N TYR B 251 -6.04 -18.23 7.44
CA TYR B 251 -6.51 -18.78 6.17
C TYR B 251 -5.48 -18.70 5.03
N TRP B 252 -4.74 -17.60 4.90
CA TRP B 252 -3.71 -17.51 3.85
C TRP B 252 -2.57 -18.49 4.11
N ALA B 253 -2.07 -18.51 5.34
CA ALA B 253 -1.06 -19.47 5.72
C ALA B 253 -1.59 -20.90 5.80
N LYS B 254 -2.91 -21.10 5.60
CA LYS B 254 -3.54 -22.41 5.57
C LYS B 254 -3.51 -23.12 6.92
N LEU B 255 -3.47 -22.36 8.02
CA LEU B 255 -3.59 -22.98 9.34
C LEU B 255 -4.97 -23.59 9.54
N CYS B 256 -5.97 -23.14 8.77
CA CYS B 256 -7.32 -23.67 8.85
C CYS B 256 -7.36 -25.17 8.54
N TYR B 257 -6.36 -25.70 7.84
CA TYR B 257 -6.28 -27.13 7.58
C TYR B 257 -6.27 -27.95 8.87
N ILE B 258 -5.93 -27.32 9.99
CA ILE B 258 -5.89 -28.00 11.27
C ILE B 258 -7.29 -28.17 11.88
N ASP B 259 -8.22 -27.27 11.55
CA ASP B 259 -9.51 -27.19 12.25
C ASP B 259 -10.35 -28.42 11.96
N SER B 260 -10.98 -28.96 13.01
CA SER B 260 -12.06 -29.92 12.88
C SER B 260 -13.20 -29.51 13.80
N GLN B 261 -14.38 -30.02 13.51
CA GLN B 261 -15.58 -29.63 14.28
C GLN B 261 -15.50 -30.04 15.75
N THR B 262 -14.71 -31.05 16.09
CA THR B 262 -14.66 -31.53 17.46
C THR B 262 -13.60 -30.83 18.31
N ASP B 263 -12.88 -29.85 17.75
CA ASP B 263 -11.66 -29.37 18.42
C ASP B 263 -11.90 -28.18 19.35
N GLY B 264 -13.15 -27.78 19.55
CA GLY B 264 -13.46 -26.75 20.51
C GLY B 264 -12.94 -25.38 20.15
N GLY B 265 -12.51 -25.19 18.90
CA GLY B 265 -11.92 -23.92 18.50
C GLY B 265 -10.56 -23.62 19.10
N ILE B 266 -9.89 -24.62 19.68
CA ILE B 266 -8.62 -24.38 20.37
C ILE B 266 -7.52 -23.99 19.37
N PRO B 267 -7.33 -24.68 18.25
CA PRO B 267 -6.31 -24.23 17.29
C PRO B 267 -6.44 -22.78 16.86
N SER B 268 -7.65 -22.37 16.46
CA SER B 268 -7.84 -21.01 15.97
C SER B 268 -7.59 -20.00 17.08
N TYR B 269 -8.03 -20.32 18.30
CA TYR B 269 -7.72 -19.50 19.45
C TYR B 269 -6.20 -19.35 19.63
N CYS B 270 -5.46 -20.45 19.52
CA CYS B 270 -4.00 -20.39 19.59
C CYS B 270 -3.43 -19.41 18.57
N PHE B 271 -3.88 -19.53 17.32
CA PHE B 271 -3.30 -18.69 16.27
C PHE B 271 -3.68 -17.22 16.45
N ALA B 272 -4.88 -16.96 16.99
CA ALA B 272 -5.24 -15.59 17.38
C ALA B 272 -4.31 -15.07 18.47
N LEU B 273 -4.02 -15.89 19.47
CA LEU B 273 -3.11 -15.45 20.52
C LEU B 273 -1.70 -15.23 19.98
N MET B 274 -1.30 -16.01 18.98
CA MET B 274 0.01 -15.79 18.37
C MET B 274 0.08 -14.43 17.68
N VAL B 275 -1.01 -14.06 16.99
CA VAL B 275 -1.04 -12.74 16.36
C VAL B 275 -1.02 -11.63 17.41
N MET B 276 -1.85 -11.78 18.44
CA MET B 276 -1.85 -10.84 19.56
C MET B 276 -0.46 -10.68 20.17
N PHE B 277 0.25 -11.80 20.38
CA PHE B 277 1.59 -11.79 20.95
C PHE B 277 2.56 -11.05 20.04
N PHE B 278 2.47 -11.29 18.73
CA PHE B 278 3.32 -10.56 17.81
C PHE B 278 3.06 -9.05 17.92
N LEU B 279 1.77 -8.66 17.94
CA LEU B 279 1.46 -7.24 18.00
C LEU B 279 1.92 -6.62 19.30
N GLN B 280 2.02 -7.41 20.37
CA GLN B 280 2.56 -6.89 21.64
C GLN B 280 4.07 -6.85 21.65
N GLN B 281 4.73 -7.75 20.94
CA GLN B 281 6.17 -7.90 20.98
C GLN B 281 6.87 -7.09 19.90
N ARG B 282 6.10 -6.59 18.93
CA ARG B 282 6.68 -5.73 17.90
C ARG B 282 7.28 -4.50 18.55
N LYS B 283 8.43 -4.06 18.02
CA LYS B 283 9.02 -2.79 18.43
C LYS B 283 8.88 -1.83 17.27
N PRO B 284 7.94 -0.86 17.31
CA PRO B 284 7.07 -0.59 18.46
C PRO B 284 5.79 -1.43 18.45
N PRO B 285 5.14 -1.58 19.60
CA PRO B 285 3.97 -2.46 19.69
C PRO B 285 2.68 -1.79 19.23
N LEU B 286 1.72 -2.62 18.83
CA LEU B 286 0.40 -2.17 18.42
C LEU B 286 -0.70 -2.66 19.36
N LEU B 287 -0.38 -3.50 20.33
CA LEU B 287 -1.33 -3.89 21.35
C LEU B 287 -0.63 -3.81 22.70
N PRO B 288 -1.35 -3.44 23.75
CA PRO B 288 -0.76 -3.44 25.08
C PRO B 288 -0.73 -4.83 25.68
N CYS B 289 0.08 -4.98 26.71
CA CYS B 289 0.03 -6.18 27.53
C CYS B 289 -1.00 -5.98 28.65
N LEU B 290 -1.47 -7.10 29.19
CA LEU B 290 -2.60 -7.06 30.12
C LEU B 290 -2.18 -6.83 31.56
N LEU B 291 -0.94 -7.16 31.93
CA LEU B 291 -0.40 -6.95 33.25
C LEU B 291 0.93 -6.22 33.12
N GLY B 292 1.22 -5.34 34.05
CA GLY B 292 2.46 -4.58 33.93
C GLY B 292 2.64 -3.61 35.08
N SER B 293 3.65 -2.75 34.92
CA SER B 293 4.11 -1.89 35.99
C SER B 293 3.05 -0.89 36.45
N TRP B 294 2.03 -0.63 35.63
CA TRP B 294 0.94 0.23 36.09
C TRP B 294 0.17 -0.38 37.26
N ILE B 295 0.37 -1.67 37.54
CA ILE B 295 -0.12 -2.28 38.76
C ILE B 295 0.95 -2.10 39.82
N GLU B 296 0.68 -1.22 40.77
CA GLU B 296 1.44 -1.03 42.00
C GLU B 296 1.86 -2.36 42.61
N GLY B 297 3.16 -2.57 42.73
CA GLY B 297 3.66 -3.77 43.38
C GLY B 297 3.60 -5.02 42.53
N PHE B 298 3.15 -4.93 41.29
CA PHE B 298 3.16 -6.09 40.41
C PHE B 298 4.59 -6.58 40.20
N ASP B 299 4.79 -7.88 40.40
CA ASP B 299 6.04 -8.55 40.11
C ASP B 299 5.81 -9.57 39.00
N PRO B 300 6.58 -9.53 37.90
CA PRO B 300 6.35 -10.52 36.83
C PRO B 300 6.45 -11.95 37.30
N LYS B 301 7.45 -12.26 38.13
CA LYS B 301 7.41 -13.52 38.85
C LYS B 301 6.19 -13.50 39.77
N ARG B 302 5.56 -14.66 39.92
CA ARG B 302 4.24 -14.76 40.57
C ARG B 302 3.18 -13.95 39.84
N MET B 303 3.32 -13.78 38.52
CA MET B 303 2.22 -13.30 37.70
C MET B 303 1.04 -14.27 37.71
N ASP B 304 1.28 -15.52 38.10
CA ASP B 304 0.22 -16.52 38.11
C ASP B 304 -0.74 -16.37 39.29
N ASP B 305 -0.50 -15.42 40.19
CA ASP B 305 -1.48 -15.12 41.22
C ASP B 305 -2.65 -14.31 40.67
N PHE B 306 -2.49 -13.70 39.50
CA PHE B 306 -3.50 -12.83 38.92
C PHE B 306 -4.46 -13.65 38.07
N GLN B 307 -5.70 -13.20 38.03
CA GLN B 307 -6.76 -13.80 37.21
C GLN B 307 -7.50 -12.70 36.48
N LEU B 308 -7.55 -12.79 35.16
CA LEU B 308 -8.29 -11.81 34.36
C LEU B 308 -9.78 -12.12 34.37
N LYS B 309 -10.57 -11.07 34.21
CA LYS B 309 -12.03 -11.17 34.32
C LYS B 309 -12.62 -10.34 33.17
N GLY B 310 -13.80 -9.81 33.38
CA GLY B 310 -14.53 -9.08 32.39
C GLY B 310 -13.99 -7.79 31.89
N ILE B 311 -14.70 -7.22 30.94
CA ILE B 311 -14.31 -5.99 30.29
C ILE B 311 -15.04 -4.79 30.82
N VAL B 312 -14.35 -3.68 30.92
CA VAL B 312 -14.97 -2.47 31.41
C VAL B 312 -15.03 -1.39 30.37
N GLU B 313 -16.23 -0.89 30.20
CA GLU B 313 -16.49 0.17 29.20
C GLU B 313 -15.60 0.02 27.97
N GLU B 314 -15.56 -1.22 27.44
CA GLU B 314 -14.98 -1.56 26.15
C GLU B 314 -13.49 -1.29 26.06
N LYS B 315 -12.83 -0.86 27.15
CA LYS B 315 -11.45 -0.40 27.05
C LYS B 315 -10.52 -0.90 28.15
N PHE B 316 -11.04 -1.70 29.07
CA PHE B 316 -10.23 -2.20 30.17
C PHE B 316 -10.53 -3.65 30.44
N VAL B 317 -9.50 -4.39 30.79
CA VAL B 317 -9.70 -5.76 31.23
C VAL B 317 -9.50 -5.80 32.74
N LYS B 318 -10.49 -6.33 33.44
CA LYS B 318 -10.44 -6.44 34.89
C LYS B 318 -9.43 -7.49 35.30
N TRP B 319 -8.72 -7.23 36.38
CA TRP B 319 -7.84 -8.23 36.97
C TRP B 319 -8.08 -8.30 38.47
N GLU B 320 -7.81 -9.49 39.03
CA GLU B 320 -7.91 -9.72 40.45
C GLU B 320 -6.66 -10.45 40.93
N CYS B 321 -6.34 -10.27 42.21
CA CYS B 321 -5.23 -10.99 42.82
C CYS B 321 -5.62 -11.22 44.28
N ASN B 322 -6.31 -12.33 44.53
CA ASN B 322 -6.84 -12.65 45.86
C ASN B 322 -5.91 -13.58 46.60
N SER B 323 -4.65 -13.19 46.73
CA SER B 323 -3.69 -13.92 47.55
C SER B 323 -2.68 -12.92 48.07
N SER B 324 -1.83 -13.37 48.98
CA SER B 324 -0.73 -12.54 49.45
C SER B 324 0.11 -12.10 48.28
N SER B 325 0.42 -10.80 48.23
CA SER B 325 1.21 -10.23 47.15
C SER B 325 1.71 -8.87 47.60
N ALA B 326 2.48 -8.22 46.73
CA ALA B 326 3.00 -6.90 46.99
C ALA B 326 2.15 -5.80 46.39
N THR B 327 1.05 -6.15 45.72
CA THR B 327 0.17 -5.15 45.13
C THR B 327 -0.53 -4.35 46.21
N LYS B 328 -0.62 -3.03 46.00
CA LYS B 328 -1.46 -2.21 46.86
C LYS B 328 -2.91 -2.67 46.80
N GLU B 329 -3.39 -3.01 45.61
CA GLU B 329 -4.81 -3.23 45.39
C GLU B 329 -5.09 -4.71 45.14
N LYS B 330 -6.27 -5.13 45.57
CA LYS B 330 -6.71 -6.51 45.38
C LYS B 330 -7.23 -6.74 43.97
N HIS B 331 -7.71 -5.68 43.30
CA HIS B 331 -8.23 -5.79 41.95
C HIS B 331 -7.95 -4.48 41.22
N GLY B 332 -8.06 -4.52 39.90
CA GLY B 332 -7.86 -3.32 39.10
C GLY B 332 -8.31 -3.58 37.69
N LYS B 333 -7.92 -2.66 36.80
CA LYS B 333 -8.22 -2.82 35.38
C LYS B 333 -7.06 -2.27 34.56
N SER B 334 -6.86 -2.88 33.40
CA SER B 334 -5.74 -2.59 32.52
C SER B 334 -6.24 -2.10 31.18
N PRO B 335 -5.67 -1.03 30.64
CA PRO B 335 -6.18 -0.45 29.39
C PRO B 335 -5.93 -1.36 28.20
N LEU B 336 -6.97 -1.56 27.39
CA LEU B 336 -6.86 -2.32 26.16
C LEU B 336 -6.34 -1.49 24.99
N ALA B 337 -6.34 -0.17 25.11
CA ALA B 337 -5.89 0.72 24.05
C ALA B 337 -4.44 1.14 24.25
N LEU B 338 -3.72 1.25 23.16
CA LEU B 338 -2.33 1.69 23.12
C LEU B 338 -2.24 3.19 22.82
N GLU B 339 -1.04 3.64 22.44
CA GLU B 339 -0.72 5.04 22.19
C GLU B 339 -0.76 5.41 20.71
N THR B 340 -1.25 4.50 19.85
CA THR B 340 -1.58 4.78 18.45
C THR B 340 -0.40 5.18 17.57
N PRO B 341 0.56 4.30 17.32
CA PRO B 341 1.57 4.63 16.30
C PRO B 341 0.96 4.72 14.91
N ASN B 342 0.21 3.69 14.52
CA ASN B 342 -0.67 3.60 13.35
C ASN B 342 0.06 3.50 12.02
N ARG B 343 1.30 3.98 11.95
CA ARG B 343 1.86 4.27 10.63
C ARG B 343 2.61 3.04 10.12
N VAL B 344 1.86 1.95 10.04
CA VAL B 344 2.34 0.69 9.46
C VAL B 344 1.22 0.13 8.58
N SER B 345 1.55 -0.15 7.32
CA SER B 345 0.61 -0.82 6.44
C SER B 345 0.42 -2.28 6.85
N LEU B 346 -0.72 -2.84 6.45
CA LEU B 346 -1.00 -4.25 6.74
C LEU B 346 -0.07 -5.19 5.99
N GLY B 347 0.38 -4.80 4.79
CA GLY B 347 1.31 -5.66 4.07
C GLY B 347 2.62 -5.83 4.83
N GLN B 348 3.15 -4.72 5.35
CA GLN B 348 4.37 -4.81 6.14
C GLN B 348 4.14 -5.57 7.44
N LEU B 349 2.99 -5.37 8.08
CA LEU B 349 2.70 -6.12 9.29
C LEU B 349 2.59 -7.62 9.02
N TRP B 350 1.96 -7.98 7.90
CA TRP B 350 1.83 -9.38 7.52
C TRP B 350 3.20 -10.02 7.34
N LEU B 351 4.08 -9.36 6.58
CA LEU B 351 5.42 -9.89 6.40
C LEU B 351 6.18 -9.95 7.73
N GLU B 352 6.02 -8.92 8.59
CA GLU B 352 6.70 -8.94 9.89
C GLU B 352 6.20 -10.07 10.77
N LEU B 353 4.91 -10.36 10.73
CA LEU B 353 4.35 -11.44 11.53
C LEU B 353 4.88 -12.80 11.07
N LEU B 354 4.85 -13.05 9.76
CA LEU B 354 5.44 -14.27 9.24
C LEU B 354 6.92 -14.37 9.60
N LYS B 355 7.67 -13.28 9.44
CA LYS B 355 9.10 -13.32 9.75
C LYS B 355 9.32 -13.60 11.24
N PHE B 356 8.50 -12.98 12.09
CA PHE B 356 8.60 -13.17 13.53
C PHE B 356 8.50 -14.65 13.87
N TYR B 357 7.55 -15.35 13.28
CA TYR B 357 7.43 -16.75 13.68
C TYR B 357 8.27 -17.71 12.84
N THR B 358 8.83 -17.28 11.70
CA THR B 358 9.68 -18.16 10.91
C THR B 358 11.15 -18.06 11.30
N LEU B 359 11.63 -16.89 11.69
CA LEU B 359 13.05 -16.66 11.85
C LEU B 359 13.46 -16.15 13.23
N ASP B 360 12.61 -15.40 13.92
CA ASP B 360 13.07 -14.59 15.04
C ASP B 360 12.71 -15.14 16.42
N PHE B 361 11.51 -15.65 16.59
CA PHE B 361 11.04 -16.12 17.90
C PHE B 361 11.41 -17.58 18.09
N ALA B 362 12.07 -17.89 19.19
CA ALA B 362 12.49 -19.27 19.46
C ALA B 362 11.30 -20.02 20.04
N LEU B 363 10.46 -20.55 19.14
CA LEU B 363 9.19 -21.19 19.48
C LEU B 363 9.38 -22.27 20.54
N GLU B 364 10.38 -23.14 20.35
CA GLU B 364 10.56 -24.32 21.19
C GLU B 364 11.09 -24.00 22.57
N GLU B 365 11.59 -22.78 22.77
CA GLU B 365 12.30 -22.43 24.00
C GLU B 365 11.57 -21.40 24.84
N TYR B 366 10.54 -20.76 24.31
CA TYR B 366 9.85 -19.72 25.05
C TYR B 366 8.37 -20.05 25.14
N VAL B 367 7.68 -19.29 25.98
CA VAL B 367 6.24 -19.41 26.15
C VAL B 367 5.59 -18.21 25.49
N ILE B 368 4.61 -18.45 24.64
CA ILE B 368 3.84 -17.35 24.06
C ILE B 368 2.83 -16.90 25.12
N CYS B 369 3.04 -15.69 25.65
CA CYS B 369 2.24 -15.19 26.77
C CYS B 369 1.81 -13.77 26.47
N VAL B 370 0.51 -13.51 26.51
CA VAL B 370 -0.03 -12.23 26.10
C VAL B 370 -0.37 -11.35 27.29
N ARG B 371 0.06 -11.74 28.50
CA ARG B 371 -0.23 -10.97 29.70
C ARG B 371 0.86 -9.95 30.03
N ILE B 372 2.11 -10.30 29.81
CA ILE B 372 3.21 -9.39 30.13
C ILE B 372 4.13 -9.26 28.93
N GLN B 373 4.83 -8.13 28.87
CA GLN B 373 5.78 -7.88 27.79
C GLN B 373 7.01 -8.77 27.92
N ASP B 374 7.44 -9.06 29.15
CA ASP B 374 8.64 -9.85 29.38
C ASP B 374 8.51 -11.22 28.73
N ILE B 375 9.62 -11.71 28.19
CA ILE B 375 9.60 -12.99 27.50
C ILE B 375 9.86 -14.10 28.52
N LEU B 376 8.96 -15.09 28.53
CA LEU B 376 9.05 -16.23 29.44
C LEU B 376 9.73 -17.39 28.77
N THR B 377 10.69 -17.99 29.46
CA THR B 377 11.20 -19.29 29.06
C THR B 377 10.28 -20.38 29.56
N ARG B 378 10.44 -21.59 28.98
CA ARG B 378 9.71 -22.75 29.48
C ARG B 378 9.97 -22.95 30.96
N GLU B 379 11.22 -22.74 31.40
CA GLU B 379 11.55 -22.86 32.80
C GLU B 379 10.83 -21.81 33.65
N ASN B 380 10.73 -20.57 33.14
CA ASN B 380 9.99 -19.53 33.86
C ASN B 380 8.58 -19.97 34.21
N LYS B 381 8.04 -20.93 33.48
CA LYS B 381 6.67 -21.38 33.62
C LYS B 381 6.59 -22.82 34.13
N ASN B 382 7.73 -23.46 34.31
CA ASN B 382 7.74 -24.85 34.77
C ASN B 382 7.20 -25.81 33.72
N TRP B 383 7.30 -25.42 32.46
CA TRP B 383 6.79 -26.22 31.36
C TRP B 383 7.93 -26.93 30.64
N PRO B 384 7.64 -28.07 30.03
CA PRO B 384 8.68 -28.78 29.28
C PRO B 384 9.10 -28.01 28.05
N LYS B 385 10.28 -28.32 27.56
CA LYS B 385 10.74 -27.73 26.33
C LYS B 385 10.14 -28.49 25.19
N ARG B 386 10.38 -28.00 23.99
CA ARG B 386 9.92 -28.59 22.76
C ARG B 386 8.57 -28.12 22.24
N ARG B 387 8.49 -28.10 20.94
CA ARG B 387 7.30 -27.69 20.19
C ARG B 387 6.65 -26.40 20.69
N ILE B 388 5.34 -26.30 20.59
CA ILE B 388 4.68 -25.03 20.85
C ILE B 388 4.13 -24.89 22.26
N ALA B 389 4.31 -23.70 22.82
CA ALA B 389 3.79 -23.40 24.16
C ALA B 389 3.10 -22.03 24.16
N ILE B 390 1.80 -22.03 24.41
CA ILE B 390 0.99 -20.81 24.44
C ILE B 390 0.20 -20.83 25.74
N GLU B 391 0.42 -19.82 26.58
CA GLU B 391 -0.33 -19.70 27.83
C GLU B 391 -1.74 -19.18 27.58
N ASP B 392 -2.73 -19.89 28.09
CA ASP B 392 -4.09 -19.36 28.07
C ASP B 392 -4.17 -18.15 29.00
N PRO B 393 -4.48 -16.96 28.47
CA PRO B 393 -4.56 -15.77 29.34
C PRO B 393 -5.55 -15.92 30.49
N PHE B 394 -6.63 -16.67 30.31
CA PHE B 394 -7.65 -16.81 31.34
C PHE B 394 -7.53 -18.08 32.16
N SER B 395 -6.65 -19.01 31.77
CA SER B 395 -6.32 -20.18 32.60
C SER B 395 -4.81 -20.37 32.49
N VAL B 396 -4.08 -19.72 33.40
CA VAL B 396 -2.65 -19.49 33.20
C VAL B 396 -1.77 -20.71 33.44
N LYS B 397 -2.30 -21.78 34.01
CA LYS B 397 -1.54 -23.02 34.12
C LYS B 397 -1.69 -23.89 32.88
N ARG B 398 -2.48 -23.45 31.91
CA ARG B 398 -2.88 -24.27 30.77
C ARG B 398 -2.03 -23.91 29.56
N ASN B 399 -1.31 -24.89 29.00
CA ASN B 399 -0.66 -24.72 27.70
C ASN B 399 -1.67 -25.08 26.63
N VAL B 400 -2.38 -24.06 26.15
CA VAL B 400 -3.49 -24.27 25.24
C VAL B 400 -3.03 -24.74 23.86
N ALA B 401 -1.73 -24.74 23.60
CA ALA B 401 -1.19 -25.25 22.34
C ALA B 401 -0.86 -26.74 22.36
N ARG B 402 -1.19 -27.46 23.45
CA ARG B 402 -0.89 -28.90 23.46
C ARG B 402 -1.62 -29.63 22.34
N SER B 403 -2.78 -29.11 21.93
CA SER B 403 -3.48 -29.66 20.76
C SER B 403 -2.63 -29.57 19.50
N LEU B 404 -1.79 -28.55 19.40
CA LEU B 404 -0.91 -28.40 18.26
C LEU B 404 0.31 -29.31 18.30
N ASN B 405 0.57 -30.01 19.42
CA ASN B 405 1.88 -30.60 19.61
C ASN B 405 1.97 -32.08 19.22
N SER B 406 0.98 -32.61 18.54
CA SER B 406 1.23 -33.86 17.82
C SER B 406 2.31 -33.59 16.78
N GLN B 407 3.00 -34.66 16.39
CA GLN B 407 4.08 -34.52 15.43
C GLN B 407 3.55 -33.94 14.11
N LEU B 408 2.43 -34.49 13.63
CA LEU B 408 1.78 -34.02 12.41
C LEU B 408 1.54 -32.51 12.45
N VAL B 409 0.83 -32.05 13.48
CA VAL B 409 0.38 -30.65 13.48
C VAL B 409 1.53 -29.69 13.73
N TYR B 410 2.43 -30.03 14.66
CA TYR B 410 3.59 -29.18 14.92
C TYR B 410 4.44 -29.01 13.66
N GLU B 411 4.78 -30.13 13.01
CA GLU B 411 5.55 -30.04 11.79
C GLU B 411 4.81 -29.24 10.73
N TYR B 412 3.48 -29.42 10.65
CA TYR B 412 2.69 -28.67 9.68
C TYR B 412 2.78 -27.17 9.93
N VAL B 413 2.65 -26.76 11.20
CA VAL B 413 2.69 -25.34 11.54
C VAL B 413 4.02 -24.72 11.15
N VAL B 414 5.11 -25.38 11.54
CA VAL B 414 6.44 -24.85 11.20
C VAL B 414 6.60 -24.76 9.69
N GLU B 415 6.19 -25.82 9.00
CA GLU B 415 6.27 -25.85 7.55
C GLU B 415 5.47 -24.72 6.94
N ARG B 416 4.30 -24.45 7.50
CA ARG B 416 3.43 -23.42 6.97
C ARG B 416 4.00 -22.03 7.15
N PHE B 417 4.61 -21.78 8.29
CA PHE B 417 5.25 -20.51 8.54
C PHE B 417 6.32 -20.26 7.49
N ARG B 418 7.16 -21.27 7.24
CA ARG B 418 8.25 -21.10 6.27
C ARG B 418 7.71 -20.89 4.86
N ALA B 419 6.75 -21.73 4.45
CA ALA B 419 6.23 -21.66 3.09
C ALA B 419 5.52 -20.33 2.84
N ALA B 420 4.74 -19.84 3.80
CA ALA B 420 4.03 -18.59 3.61
C ALA B 420 4.98 -17.40 3.56
N TYR B 421 5.99 -17.38 4.44
CA TYR B 421 6.97 -16.30 4.38
C TYR B 421 7.67 -16.27 3.03
N ARG B 422 8.14 -17.45 2.58
CA ARG B 422 8.74 -17.55 1.25
C ARG B 422 7.78 -17.03 0.18
N TYR B 423 6.51 -17.42 0.26
CA TYR B 423 5.58 -17.11 -0.81
C TYR B 423 5.26 -15.62 -0.86
N PHE B 424 5.02 -15.00 0.31
CA PHE B 424 4.54 -13.62 0.36
C PHE B 424 5.66 -12.59 0.39
N ALA B 425 6.90 -12.99 0.70
CA ALA B 425 7.97 -12.01 0.76
C ALA B 425 8.36 -11.50 -0.62
N CYS B 426 8.10 -12.27 -1.68
CA CYS B 426 8.45 -11.87 -3.04
C CYS B 426 7.24 -12.00 -3.95
N PRO B 427 7.02 -11.01 -4.83
CA PRO B 427 5.94 -11.14 -5.81
C PRO B 427 6.17 -12.32 -6.75
N GLN B 428 5.08 -12.94 -7.18
CA GLN B 428 5.15 -14.10 -8.08
C GLN B 428 5.24 -13.65 -9.54
N VAL B 437 1.63 -10.25 -3.56
CA VAL B 437 0.90 -11.44 -4.01
C VAL B 437 -0.52 -11.45 -3.45
N ASP B 438 -1.48 -10.96 -4.23
CA ASP B 438 -2.88 -11.04 -3.83
C ASP B 438 -3.34 -12.50 -3.86
N PHE B 439 -4.11 -12.89 -2.86
CA PHE B 439 -4.54 -14.27 -2.72
C PHE B 439 -6.06 -14.35 -2.72
N LYS B 440 -6.60 -15.09 -3.69
CA LYS B 440 -7.98 -15.57 -3.62
C LYS B 440 -7.95 -16.98 -3.05
N LEU B 441 -8.71 -17.19 -1.96
CA LEU B 441 -8.52 -18.35 -1.11
C LEU B 441 -8.60 -19.67 -1.85
N GLU B 442 -9.77 -19.99 -2.39
CA GLU B 442 -9.97 -21.21 -3.17
C GLU B 442 -9.63 -22.47 -2.37
N HIS B 443 -9.92 -22.46 -1.08
CA HIS B 443 -9.90 -23.70 -0.33
C HIS B 443 -11.19 -24.45 -0.63
N HIS B 444 -11.09 -25.75 -0.86
CA HIS B 444 -12.28 -26.55 -1.14
C HIS B 444 -12.74 -27.29 0.10
N HIS B 445 -13.13 -26.52 1.13
CA HIS B 445 -13.70 -27.08 2.34
C HIS B 445 -14.49 -26.01 3.08
N HIS B 446 -15.50 -26.45 3.83
CA HIS B 446 -16.26 -25.54 4.68
C HIS B 446 -15.34 -24.86 5.69
N HIS B 447 -15.51 -23.56 5.89
CA HIS B 447 -14.79 -22.84 6.94
C HIS B 447 -15.77 -22.60 8.10
N HIS B 448 -15.69 -23.45 9.11
CA HIS B 448 -16.63 -23.35 10.24
C HIS B 448 -16.15 -22.35 11.26
#